data_1O8Q
#
_entry.id   1O8Q
#
_cell.length_a   174.610
_cell.length_b   174.610
_cell.length_c   174.610
_cell.angle_alpha   90.00
_cell.angle_beta   90.00
_cell.angle_gamma   90.00
#
_symmetry.space_group_name_H-M   'P 21 3'
#
loop_
_entity.id
_entity.type
_entity.pdbx_description
1 polymer 'MOLYBDOPTERIN BIOSYNTHESIS CNX1 PROTEIN'
2 water water
#
_entity_poly.entity_id   1
_entity_poly.type   'polypeptide(L)'
_entity_poly.pdbx_seq_one_letter_code
;VPGPEYKVAILTVSDTVSAGAGPDRSGPRAVSVVDSSSEKLGGAKVVATAVVPDEVERIKDILQKWSDVDEMDLILTLGG
TGFTPRDVTPEATKKVIERETPGLLFVMMQEALKITPFAMLSRSAAGIRGSTLIINMPGNPNAVAECMEALLPALKHALK
QIKGDKR
;
_entity_poly.pdbx_strand_id   A,B,C,D,E,F,G,H
#
# COMPACT_ATOMS: atom_id res chain seq x y z
N GLU A 5 -10.81 -27.67 -26.18
CA GLU A 5 -12.10 -27.49 -26.90
C GLU A 5 -12.68 -26.06 -26.82
N TYR A 6 -12.72 -25.44 -25.62
CA TYR A 6 -12.97 -23.98 -25.55
C TYR A 6 -11.63 -23.29 -25.37
N LYS A 7 -11.37 -22.32 -26.22
CA LYS A 7 -10.12 -21.59 -26.13
C LYS A 7 -10.30 -20.38 -25.22
N VAL A 8 -9.64 -20.42 -24.07
CA VAL A 8 -9.65 -19.31 -23.13
C VAL A 8 -8.36 -18.48 -23.26
N ALA A 9 -8.49 -17.16 -23.20
CA ALA A 9 -7.35 -16.28 -23.12
C ALA A 9 -7.50 -15.30 -21.94
N ILE A 10 -6.39 -15.02 -21.26
CA ILE A 10 -6.42 -14.19 -20.05
C ILE A 10 -5.54 -12.94 -20.17
N LEU A 11 -6.18 -11.78 -20.11
CA LEU A 11 -5.48 -10.52 -20.25
C LEU A 11 -5.27 -9.88 -18.88
N THR A 12 -4.02 -9.62 -18.52
CA THR A 12 -3.73 -8.93 -17.28
C THR A 12 -3.58 -7.47 -17.62
N VAL A 13 -4.32 -6.62 -16.93
CA VAL A 13 -4.21 -5.19 -17.16
C VAL A 13 -3.54 -4.55 -15.96
N SER A 14 -2.34 -3.99 -16.17
CA SER A 14 -1.54 -3.43 -15.07
C SER A 14 -0.34 -2.65 -15.55
N ASP A 15 -0.32 -1.35 -15.28
CA ASP A 15 0.84 -0.50 -15.58
C ASP A 15 2.14 -1.12 -15.03
N THR A 16 2.09 -1.52 -13.75
CA THR A 16 3.23 -2.07 -13.02
C THR A 16 3.79 -3.32 -13.69
N VAL A 17 2.93 -4.28 -13.98
CA VAL A 17 3.37 -5.51 -14.59
C VAL A 17 3.88 -5.25 -16.02
N SER A 18 3.15 -4.42 -16.75
CA SER A 18 3.51 -4.14 -18.13
C SER A 18 4.90 -3.48 -18.22
N ALA A 19 5.22 -2.63 -17.26
CA ALA A 19 6.49 -1.92 -17.26
C ALA A 19 7.68 -2.80 -16.81
N GLY A 20 7.39 -4.02 -16.33
CA GLY A 20 8.40 -4.92 -15.79
C GLY A 20 8.75 -4.58 -14.35
N ALA A 21 8.02 -3.64 -13.75
CA ALA A 21 8.28 -3.21 -12.39
C ALA A 21 7.77 -4.20 -11.36
N GLY A 22 7.01 -5.21 -11.79
CA GLY A 22 6.44 -6.15 -10.84
C GLY A 22 5.92 -7.39 -11.49
N PRO A 23 5.76 -8.45 -10.73
CA PRO A 23 5.29 -9.72 -11.26
C PRO A 23 3.78 -9.75 -11.42
N ASP A 24 3.30 -10.69 -12.22
CA ASP A 24 1.88 -10.93 -12.32
C ASP A 24 1.54 -12.02 -11.32
N ARG A 25 0.82 -11.63 -10.28
CA ARG A 25 0.40 -12.58 -9.28
C ARG A 25 -1.00 -13.12 -9.58
N SER A 26 -1.74 -12.43 -10.44
CA SER A 26 -3.13 -12.80 -10.69
C SER A 26 -3.28 -13.68 -11.89
N GLY A 27 -2.56 -13.35 -12.96
CA GLY A 27 -2.50 -14.16 -14.15
C GLY A 27 -2.44 -15.65 -13.86
N PRO A 28 -1.36 -16.12 -13.21
CA PRO A 28 -1.16 -17.55 -12.97
C PRO A 28 -2.30 -18.20 -12.18
N ARG A 29 -2.83 -17.47 -11.20
CA ARG A 29 -4.01 -17.90 -10.45
C ARG A 29 -5.20 -18.13 -11.38
N ALA A 30 -5.48 -17.16 -12.24
CA ALA A 30 -6.59 -17.27 -13.17
C ALA A 30 -6.40 -18.47 -14.08
N VAL A 31 -5.17 -18.65 -14.60
CA VAL A 31 -4.91 -19.77 -15.51
C VAL A 31 -5.25 -21.04 -14.77
N SER A 32 -4.85 -21.09 -13.53
CA SER A 32 -4.99 -22.33 -12.80
C SER A 32 -6.46 -22.58 -12.38
N VAL A 33 -7.21 -21.53 -12.08
CA VAL A 33 -8.66 -21.67 -11.89
C VAL A 33 -9.41 -22.18 -13.14
N VAL A 34 -9.15 -21.58 -14.29
CA VAL A 34 -9.78 -22.05 -15.52
C VAL A 34 -9.46 -23.50 -15.69
N ASP A 35 -8.17 -23.78 -15.66
CA ASP A 35 -7.63 -25.12 -15.85
C ASP A 35 -8.27 -26.19 -14.99
N SER A 36 -8.47 -25.89 -13.73
CA SER A 36 -9.08 -26.84 -12.84
C SER A 36 -10.63 -26.75 -12.84
N SER A 37 -11.19 -25.92 -13.73
CA SER A 37 -12.62 -25.86 -13.92
C SER A 37 -13.01 -26.47 -15.27
N SER A 38 -11.98 -26.97 -15.98
CA SER A 38 -12.10 -27.46 -17.35
C SER A 38 -13.27 -28.42 -17.62
N GLU A 39 -13.41 -29.44 -16.78
CA GLU A 39 -14.49 -30.39 -16.89
C GLU A 39 -15.81 -29.64 -16.79
N LYS A 40 -15.98 -28.87 -15.71
CA LYS A 40 -17.20 -28.13 -15.43
C LYS A 40 -17.56 -27.12 -16.53
N LEU A 41 -16.54 -26.62 -17.24
CA LEU A 41 -16.71 -25.71 -18.37
C LEU A 41 -16.89 -26.41 -19.72
N GLY A 42 -17.01 -27.75 -19.68
CA GLY A 42 -17.14 -28.57 -20.87
C GLY A 42 -15.87 -28.72 -21.70
N GLY A 43 -14.72 -28.65 -21.06
CA GLY A 43 -13.44 -28.80 -21.74
C GLY A 43 -12.93 -27.44 -22.18
N ALA A 44 -12.11 -26.80 -21.34
CA ALA A 44 -11.57 -25.49 -21.67
C ALA A 44 -10.13 -25.39 -21.23
N LYS A 45 -9.36 -24.59 -21.96
CA LYS A 45 -7.95 -24.52 -21.72
C LYS A 45 -7.49 -23.08 -21.97
N VAL A 46 -6.69 -22.53 -21.05
CA VAL A 46 -6.04 -21.26 -21.31
C VAL A 46 -4.92 -21.49 -22.30
N VAL A 47 -5.03 -20.76 -23.39
CA VAL A 47 -4.28 -21.01 -24.58
C VAL A 47 -3.35 -19.83 -24.85
N ALA A 48 -3.59 -18.71 -24.14
CA ALA A 48 -2.83 -17.48 -24.35
C ALA A 48 -3.01 -16.54 -23.19
N THR A 49 -1.95 -15.83 -22.84
CA THR A 49 -2.06 -14.71 -21.91
C THR A 49 -1.37 -13.50 -22.52
N ALA A 50 -1.69 -12.31 -22.02
CA ALA A 50 -0.98 -11.12 -22.40
C ALA A 50 -1.09 -10.13 -21.26
N VAL A 51 -0.12 -9.21 -21.21
CA VAL A 51 -0.13 -8.12 -20.25
C VAL A 51 -0.17 -6.82 -21.00
N VAL A 52 -1.06 -5.92 -20.60
CA VAL A 52 -1.11 -4.57 -21.15
C VAL A 52 -1.13 -3.54 -20.03
N PRO A 53 -0.68 -2.33 -20.31
CA PRO A 53 -0.76 -1.25 -19.32
C PRO A 53 -2.19 -0.77 -19.15
N ASP A 54 -2.44 0.14 -18.21
CA ASP A 54 -3.77 0.70 -18.03
C ASP A 54 -4.06 1.78 -19.08
N GLU A 55 -4.20 1.39 -20.33
CA GLU A 55 -4.45 2.34 -21.41
C GLU A 55 -5.50 1.73 -22.32
N VAL A 56 -6.56 2.49 -22.63
CA VAL A 56 -7.71 1.92 -23.36
C VAL A 56 -7.37 1.34 -24.74
N GLU A 57 -6.51 2.06 -25.48
CA GLU A 57 -6.11 1.60 -26.82
C GLU A 57 -5.43 0.24 -26.77
N ARG A 58 -4.51 0.08 -25.79
CA ARG A 58 -3.81 -1.19 -25.61
C ARG A 58 -4.79 -2.31 -25.27
N ILE A 59 -5.77 -2.01 -24.42
CA ILE A 59 -6.77 -2.98 -24.03
C ILE A 59 -7.70 -3.33 -25.19
N LYS A 60 -8.29 -2.32 -25.84
CA LYS A 60 -9.12 -2.55 -27.02
C LYS A 60 -8.43 -3.41 -28.10
N ASP A 61 -7.17 -3.09 -28.43
CA ASP A 61 -6.47 -3.76 -29.51
C ASP A 61 -6.44 -5.24 -29.26
N ILE A 62 -6.09 -5.64 -28.02
CA ILE A 62 -5.97 -7.06 -27.70
C ILE A 62 -7.32 -7.75 -27.75
N LEU A 63 -8.34 -7.11 -27.16
CA LEU A 63 -9.68 -7.69 -27.18
C LEU A 63 -10.17 -7.90 -28.63
N GLN A 64 -9.87 -6.91 -29.48
CA GLN A 64 -10.21 -7.01 -30.89
C GLN A 64 -9.44 -8.16 -31.54
N LYS A 65 -8.13 -8.14 -31.38
CA LYS A 65 -7.29 -9.17 -31.92
C LYS A 65 -7.75 -10.56 -31.50
N TRP A 66 -7.94 -10.77 -30.20
CA TRP A 66 -8.25 -12.11 -29.70
C TRP A 66 -9.64 -12.57 -30.11
N SER A 67 -10.55 -11.62 -30.30
CA SER A 67 -11.90 -11.93 -30.74
C SER A 67 -11.97 -12.11 -32.26
N ASP A 68 -11.41 -11.14 -33.00
CA ASP A 68 -11.60 -11.08 -34.44
C ASP A 68 -10.63 -11.99 -35.20
N VAL A 69 -9.35 -11.95 -34.81
CA VAL A 69 -8.32 -12.74 -35.49
C VAL A 69 -8.09 -14.13 -34.89
N ASP A 70 -7.84 -14.23 -33.58
CA ASP A 70 -7.52 -15.53 -32.96
C ASP A 70 -8.75 -16.38 -32.63
N GLU A 71 -9.91 -15.74 -32.66
CA GLU A 71 -11.19 -16.39 -32.36
C GLU A 71 -11.14 -17.18 -31.04
N MET A 72 -10.85 -16.48 -29.93
CA MET A 72 -10.97 -17.08 -28.61
C MET A 72 -12.44 -17.26 -28.28
N ASP A 73 -12.74 -18.25 -27.48
CA ASP A 73 -14.12 -18.43 -27.05
C ASP A 73 -14.44 -17.63 -25.80
N LEU A 74 -13.44 -17.47 -24.93
CA LEU A 74 -13.61 -16.80 -23.65
C LEU A 74 -12.35 -15.99 -23.37
N ILE A 75 -12.54 -14.69 -23.11
CA ILE A 75 -11.47 -13.80 -22.66
C ILE A 75 -11.82 -13.31 -21.26
N LEU A 76 -10.90 -13.53 -20.31
CA LEU A 76 -11.05 -12.96 -18.99
C LEU A 76 -10.02 -11.86 -18.90
N THR A 77 -10.43 -10.65 -18.49
CA THR A 77 -9.46 -9.63 -18.14
C THR A 77 -9.31 -9.57 -16.62
N LEU A 78 -8.12 -9.16 -16.14
CA LEU A 78 -7.85 -8.99 -14.70
C LEU A 78 -7.31 -7.58 -14.42
N GLY A 79 -7.98 -6.86 -13.55
CA GLY A 79 -7.50 -5.55 -13.18
C GLY A 79 -8.12 -4.41 -13.95
N GLY A 80 -7.90 -3.21 -13.42
CA GLY A 80 -8.32 -1.98 -14.06
C GLY A 80 -9.81 -1.71 -13.91
N THR A 81 -10.43 -2.28 -12.87
CA THR A 81 -11.87 -2.23 -12.71
C THR A 81 -12.38 -1.37 -11.56
N GLY A 82 -11.48 -0.75 -10.78
CA GLY A 82 -11.87 0.05 -9.63
C GLY A 82 -12.08 1.53 -9.93
N PHE A 83 -11.94 2.35 -8.88
CA PHE A 83 -12.30 3.77 -8.93
C PHE A 83 -11.12 4.71 -9.18
N THR A 84 -9.92 4.15 -9.06
CA THR A 84 -8.66 4.79 -9.45
C THR A 84 -8.77 5.37 -10.86
N PRO A 85 -8.20 6.56 -11.06
CA PRO A 85 -8.30 7.21 -12.38
C PRO A 85 -7.63 6.43 -13.52
N ARG A 86 -6.68 5.56 -13.22
CA ARG A 86 -6.10 4.73 -14.26
C ARG A 86 -6.97 3.51 -14.62
N ASP A 87 -7.85 3.08 -13.70
CA ASP A 87 -8.72 1.96 -13.96
C ASP A 87 -9.66 2.24 -15.13
N VAL A 88 -9.28 1.77 -16.33
CA VAL A 88 -10.05 2.04 -17.54
C VAL A 88 -10.47 0.77 -18.28
N THR A 89 -10.36 -0.39 -17.65
CA THR A 89 -10.69 -1.64 -18.33
C THR A 89 -12.12 -1.70 -18.85
N PRO A 90 -13.12 -1.35 -18.00
CA PRO A 90 -14.53 -1.42 -18.42
C PRO A 90 -14.79 -0.46 -19.59
N GLU A 91 -14.20 0.72 -19.57
CA GLU A 91 -14.44 1.63 -20.68
C GLU A 91 -13.89 1.05 -21.99
N ALA A 92 -12.72 0.42 -21.91
CA ALA A 92 -12.15 -0.22 -23.09
C ALA A 92 -13.03 -1.38 -23.53
N THR A 93 -13.51 -2.17 -22.58
CA THR A 93 -14.32 -3.33 -22.87
C THR A 93 -15.64 -2.93 -23.51
N LYS A 94 -16.27 -1.89 -22.97
CA LYS A 94 -17.56 -1.42 -23.48
C LYS A 94 -17.48 -0.97 -24.93
N LYS A 95 -16.32 -0.46 -25.37
CA LYS A 95 -16.14 -0.03 -26.78
C LYS A 95 -16.12 -1.21 -27.74
N VAL A 96 -15.69 -2.38 -27.28
CA VAL A 96 -15.49 -3.51 -28.19
C VAL A 96 -16.59 -4.56 -28.12
N ILE A 97 -17.37 -4.60 -27.05
CA ILE A 97 -18.43 -5.60 -27.03
C ILE A 97 -19.65 -5.20 -27.86
N GLU A 98 -20.39 -6.20 -28.34
CA GLU A 98 -21.52 -6.00 -29.21
C GLU A 98 -22.82 -6.30 -28.48
N ARG A 99 -22.81 -7.32 -27.65
CA ARG A 99 -24.01 -7.72 -26.97
C ARG A 99 -23.71 -7.84 -25.48
N GLU A 100 -24.33 -6.98 -24.66
CA GLU A 100 -24.04 -7.04 -23.22
C GLU A 100 -24.57 -8.33 -22.64
N THR A 101 -23.92 -8.77 -21.56
CA THR A 101 -24.36 -9.94 -20.83
C THR A 101 -24.53 -9.59 -19.35
N PRO A 102 -25.52 -8.75 -19.03
CA PRO A 102 -25.65 -8.19 -17.68
C PRO A 102 -25.90 -9.22 -16.56
N GLY A 103 -26.39 -10.40 -16.89
CA GLY A 103 -26.64 -11.41 -15.87
C GLY A 103 -25.34 -11.92 -15.27
N LEU A 104 -24.29 -12.04 -16.10
CA LEU A 104 -22.97 -12.42 -15.61
C LEU A 104 -22.50 -11.37 -14.60
N LEU A 105 -22.78 -10.09 -14.89
CA LEU A 105 -22.32 -9.03 -14.02
C LEU A 105 -23.11 -9.04 -12.74
N PHE A 106 -24.41 -9.30 -12.85
CA PHE A 106 -25.27 -9.34 -11.69
C PHE A 106 -24.79 -10.41 -10.72
N VAL A 107 -24.47 -11.59 -11.27
CA VAL A 107 -24.09 -12.73 -10.45
C VAL A 107 -22.77 -12.47 -9.73
N MET A 108 -21.77 -11.97 -10.47
CA MET A 108 -20.46 -11.69 -9.87
C MET A 108 -20.60 -10.67 -8.74
N MET A 109 -21.37 -9.61 -8.98
CA MET A 109 -21.60 -8.59 -7.96
C MET A 109 -22.33 -9.18 -6.75
N GLN A 110 -23.39 -9.92 -7.03
CA GLN A 110 -24.18 -10.51 -5.96
C GLN A 110 -23.33 -11.39 -5.06
N GLU A 111 -22.53 -12.26 -5.67
CA GLU A 111 -21.70 -13.18 -4.88
C GLU A 111 -20.57 -12.46 -4.16
N ALA A 112 -19.88 -11.55 -4.85
CA ALA A 112 -18.79 -10.80 -4.22
C ALA A 112 -19.25 -9.99 -2.99
N LEU A 113 -20.46 -9.46 -3.04
CA LEU A 113 -21.00 -8.66 -1.96
C LEU A 113 -21.31 -9.50 -0.73
N LYS A 114 -21.40 -10.81 -0.91
CA LYS A 114 -21.61 -11.69 0.24
C LYS A 114 -20.31 -11.83 1.05
N ILE A 115 -19.19 -11.54 0.41
CA ILE A 115 -17.92 -11.68 1.07
C ILE A 115 -17.54 -10.35 1.70
N THR A 116 -17.69 -9.26 0.96
CA THR A 116 -17.31 -7.93 1.44
C THR A 116 -18.13 -6.85 0.73
N PRO A 117 -18.53 -5.79 1.43
CA PRO A 117 -19.17 -4.65 0.77
C PRO A 117 -18.27 -3.88 -0.20
N PHE A 118 -16.95 -4.06 -0.13
CA PHE A 118 -16.05 -3.39 -1.05
C PHE A 118 -16.24 -3.84 -2.49
N ALA A 119 -16.95 -4.96 -2.64
CA ALA A 119 -17.34 -5.50 -3.94
C ALA A 119 -18.07 -4.49 -4.78
N MET A 120 -18.78 -3.57 -4.14
CA MET A 120 -19.53 -2.53 -4.84
C MET A 120 -18.61 -1.55 -5.58
N LEU A 121 -17.31 -1.60 -5.31
CA LEU A 121 -16.37 -0.77 -6.04
C LEU A 121 -15.90 -1.39 -7.34
N SER A 122 -16.37 -2.58 -7.66
CA SER A 122 -16.03 -3.18 -8.95
C SER A 122 -16.90 -2.55 -10.02
N ARG A 123 -16.30 -2.15 -11.13
CA ARG A 123 -17.03 -1.54 -12.22
C ARG A 123 -16.97 -2.43 -13.45
N SER A 124 -16.83 -3.75 -13.24
CA SER A 124 -16.63 -4.68 -14.37
C SER A 124 -17.73 -4.58 -15.41
N ALA A 125 -17.33 -4.74 -16.66
CA ALA A 125 -18.24 -4.94 -17.76
C ALA A 125 -18.07 -6.35 -18.30
N ALA A 126 -18.99 -6.78 -19.16
CA ALA A 126 -18.93 -8.08 -19.81
C ALA A 126 -19.83 -8.05 -21.01
N GLY A 127 -19.55 -8.89 -21.98
CA GLY A 127 -20.36 -8.98 -23.18
C GLY A 127 -19.72 -9.83 -24.26
N ILE A 128 -20.49 -10.07 -25.33
CA ILE A 128 -20.03 -10.89 -26.44
C ILE A 128 -19.59 -10.02 -27.61
N ARG A 129 -18.44 -10.36 -28.19
CA ARG A 129 -18.02 -9.76 -29.45
C ARG A 129 -17.83 -10.92 -30.42
N GLY A 130 -18.46 -10.83 -31.60
CA GLY A 130 -18.46 -11.91 -32.57
C GLY A 130 -18.96 -13.18 -31.91
N SER A 131 -18.11 -14.17 -31.79
CA SER A 131 -18.45 -15.32 -30.94
C SER A 131 -17.52 -15.49 -29.70
N THR A 132 -16.96 -14.37 -29.21
CA THR A 132 -16.11 -14.38 -28.04
C THR A 132 -16.85 -13.75 -26.86
N LEU A 133 -16.92 -14.45 -25.73
CA LEU A 133 -17.41 -13.89 -24.46
C LEU A 133 -16.26 -13.21 -23.71
N ILE A 134 -16.37 -11.91 -23.46
CA ILE A 134 -15.40 -11.12 -22.68
C ILE A 134 -15.97 -10.75 -21.28
N ILE A 135 -15.25 -11.11 -20.21
CA ILE A 135 -15.64 -10.83 -18.81
C ILE A 135 -14.54 -10.09 -18.04
N ASN A 136 -14.83 -8.88 -17.58
CA ASN A 136 -13.89 -8.16 -16.74
C ASN A 136 -13.91 -8.75 -15.34
N MET A 137 -12.73 -9.04 -14.79
CA MET A 137 -12.65 -9.54 -13.42
C MET A 137 -11.63 -8.69 -12.64
N PRO A 138 -11.78 -8.66 -11.32
CA PRO A 138 -10.92 -7.82 -10.47
C PRO A 138 -9.46 -8.27 -10.47
N GLY A 139 -8.57 -7.33 -10.21
CA GLY A 139 -7.15 -7.58 -10.27
C GLY A 139 -6.49 -8.38 -9.15
N ASN A 140 -7.12 -8.64 -8.02
CA ASN A 140 -6.45 -9.42 -6.99
C ASN A 140 -6.60 -10.95 -7.18
N PRO A 141 -5.53 -11.71 -6.88
CA PRO A 141 -5.45 -13.16 -7.18
C PRO A 141 -6.66 -14.04 -6.79
N ASN A 142 -7.34 -13.74 -5.68
CA ASN A 142 -8.47 -14.57 -5.25
C ASN A 142 -9.76 -14.29 -6.02
N ALA A 143 -9.80 -13.16 -6.69
CA ALA A 143 -11.01 -12.70 -7.35
C ALA A 143 -11.48 -13.63 -8.47
N VAL A 144 -10.54 -14.07 -9.31
CA VAL A 144 -10.88 -14.96 -10.41
C VAL A 144 -11.45 -16.27 -9.91
N ALA A 145 -10.95 -16.75 -8.77
CA ALA A 145 -11.47 -17.99 -8.20
C ALA A 145 -12.89 -17.77 -7.71
N GLU A 146 -13.11 -16.65 -7.04
CA GLU A 146 -14.43 -16.30 -6.54
C GLU A 146 -15.44 -16.04 -7.68
N CYS A 147 -15.05 -15.24 -8.68
CA CYS A 147 -15.95 -14.93 -9.79
C CYS A 147 -16.26 -16.16 -10.61
N MET A 148 -15.24 -16.97 -10.86
CA MET A 148 -15.44 -18.20 -11.60
C MET A 148 -16.35 -19.15 -10.84
N GLU A 149 -16.24 -19.18 -9.52
CA GLU A 149 -17.16 -20.02 -8.76
C GLU A 149 -18.63 -19.54 -8.92
N ALA A 150 -18.82 -18.22 -8.94
CA ALA A 150 -20.13 -17.63 -9.07
C ALA A 150 -20.73 -17.93 -10.44
N LEU A 151 -19.91 -17.86 -11.49
CA LEU A 151 -20.38 -18.01 -12.86
C LEU A 151 -20.49 -19.46 -13.33
N LEU A 152 -19.68 -20.33 -12.73
CA LEU A 152 -19.42 -21.68 -13.21
C LEU A 152 -20.67 -22.51 -13.47
N PRO A 153 -21.66 -22.46 -12.59
CA PRO A 153 -22.87 -23.27 -12.83
C PRO A 153 -23.43 -23.09 -14.23
N ALA A 154 -23.27 -21.92 -14.86
CA ALA A 154 -23.96 -21.62 -16.10
C ALA A 154 -23.04 -21.30 -17.29
N LEU A 155 -21.75 -21.11 -17.01
CA LEU A 155 -20.81 -20.64 -18.01
C LEU A 155 -20.60 -21.66 -19.12
N LYS A 156 -20.68 -22.94 -18.77
CA LYS A 156 -20.63 -24.01 -19.75
C LYS A 156 -21.70 -23.76 -20.81
N HIS A 157 -22.95 -23.63 -20.36
CA HIS A 157 -24.06 -23.37 -21.27
C HIS A 157 -23.90 -22.05 -22.06
N ALA A 158 -23.38 -21.02 -21.40
CA ALA A 158 -23.05 -19.78 -22.07
C ALA A 158 -22.15 -20.02 -23.27
N LEU A 159 -21.08 -20.78 -23.09
CA LEU A 159 -20.10 -20.99 -24.17
C LEU A 159 -20.67 -21.85 -25.30
N LYS A 160 -21.47 -22.85 -24.93
CA LYS A 160 -22.18 -23.66 -25.90
C LYS A 160 -23.17 -22.83 -26.76
N GLN A 161 -23.95 -21.97 -26.10
CA GLN A 161 -24.91 -21.11 -26.79
C GLN A 161 -24.24 -20.17 -27.80
N ILE A 162 -23.09 -19.62 -27.45
CA ILE A 162 -22.40 -18.71 -28.37
C ILE A 162 -21.91 -19.43 -29.66
N LYS A 163 -21.85 -20.77 -29.56
CA LYS A 163 -21.65 -21.74 -30.66
C LYS A 163 -20.31 -22.48 -30.57
N GLY A 164 -19.36 -22.20 -31.31
N GLU B 5 -58.38 -0.78 -19.85
CA GLU B 5 -57.80 0.50 -19.34
C GLU B 5 -56.27 0.65 -19.60
N TYR B 6 -55.45 -0.36 -19.30
CA TYR B 6 -54.07 -0.35 -19.78
C TYR B 6 -53.99 -1.26 -20.97
N LYS B 7 -53.44 -0.74 -22.06
CA LYS B 7 -53.34 -1.51 -23.27
C LYS B 7 -51.99 -2.23 -23.31
N VAL B 8 -52.05 -3.57 -23.20
CA VAL B 8 -50.87 -4.40 -23.27
C VAL B 8 -50.76 -5.02 -24.67
N ALA B 9 -49.53 -5.07 -25.20
CA ALA B 9 -49.25 -5.82 -26.42
C ALA B 9 -48.05 -6.76 -26.24
N ILE B 10 -48.11 -7.94 -26.85
CA ILE B 10 -47.10 -8.96 -26.63
C ILE B 10 -46.44 -9.38 -27.92
N LEU B 11 -45.15 -9.15 -28.00
CA LEU B 11 -44.37 -9.46 -29.19
C LEU B 11 -43.60 -10.77 -29.00
N THR B 12 -43.85 -11.75 -29.87
CA THR B 12 -43.10 -12.98 -29.85
C THR B 12 -41.98 -12.86 -30.85
N VAL B 13 -40.76 -13.10 -30.39
CA VAL B 13 -39.61 -13.02 -31.28
C VAL B 13 -39.07 -14.43 -31.49
N SER B 14 -39.11 -14.89 -32.73
CA SER B 14 -38.74 -16.27 -33.04
C SER B 14 -38.73 -16.54 -34.53
N ASP B 15 -37.55 -16.85 -35.07
CA ASP B 15 -37.38 -17.25 -36.46
C ASP B 15 -38.34 -18.40 -36.83
N THR B 16 -38.35 -19.44 -35.98
CA THR B 16 -39.19 -20.63 -36.12
C THR B 16 -40.67 -20.33 -36.24
N VAL B 17 -41.20 -19.56 -35.29
CA VAL B 17 -42.60 -19.21 -35.29
C VAL B 17 -42.91 -18.31 -36.48
N SER B 18 -42.06 -17.32 -36.71
CA SER B 18 -42.30 -16.39 -37.80
C SER B 18 -42.34 -17.08 -39.18
N ALA B 19 -41.52 -18.10 -39.37
CA ALA B 19 -41.47 -18.83 -40.63
C ALA B 19 -42.64 -19.82 -40.82
N GLY B 20 -43.42 -20.03 -39.76
CA GLY B 20 -44.55 -20.95 -39.80
C GLY B 20 -44.08 -22.35 -39.52
N ALA B 21 -42.80 -22.49 -39.18
CA ALA B 21 -42.22 -23.80 -38.88
C ALA B 21 -42.62 -24.36 -37.53
N GLY B 22 -43.25 -23.55 -36.68
CA GLY B 22 -43.63 -24.03 -35.36
C GLY B 22 -44.66 -23.13 -34.70
N PRO B 23 -45.31 -23.64 -33.66
CA PRO B 23 -46.32 -22.87 -32.94
C PRO B 23 -45.70 -21.92 -31.90
N ASP B 24 -46.50 -20.94 -31.51
CA ASP B 24 -46.12 -20.07 -30.43
C ASP B 24 -46.66 -20.66 -29.16
N ARG B 25 -45.76 -21.12 -28.32
CA ARG B 25 -46.18 -21.75 -27.07
C ARG B 25 -46.09 -20.75 -25.94
N SER B 26 -45.40 -19.65 -26.17
CA SER B 26 -45.20 -18.66 -25.12
C SER B 26 -46.19 -17.50 -25.16
N GLY B 27 -46.46 -17.02 -26.38
CA GLY B 27 -47.46 -15.99 -26.59
C GLY B 27 -48.72 -16.19 -25.77
N PRO B 28 -49.44 -17.32 -25.98
CA PRO B 28 -50.73 -17.56 -25.29
C PRO B 28 -50.59 -17.57 -23.77
N ARG B 29 -49.49 -18.11 -23.28
CA ARG B 29 -49.20 -18.14 -21.86
C ARG B 29 -49.09 -16.72 -21.33
N ALA B 30 -48.31 -15.90 -22.03
CA ALA B 30 -48.13 -14.50 -21.65
C ALA B 30 -49.49 -13.77 -21.61
N VAL B 31 -50.29 -13.93 -22.68
CA VAL B 31 -51.60 -13.29 -22.77
C VAL B 31 -52.37 -13.68 -21.54
N SER B 32 -52.35 -14.97 -21.24
CA SER B 32 -53.17 -15.45 -20.14
C SER B 32 -52.67 -15.00 -18.74
N VAL B 33 -51.36 -14.90 -18.56
CA VAL B 33 -50.79 -14.28 -17.34
C VAL B 33 -51.21 -12.82 -17.16
N VAL B 34 -51.11 -12.02 -18.23
CA VAL B 34 -51.46 -10.60 -18.12
C VAL B 34 -52.92 -10.56 -17.73
N ASP B 35 -53.69 -11.34 -18.46
CA ASP B 35 -55.14 -11.36 -18.34
C ASP B 35 -55.59 -11.67 -16.93
N SER B 36 -54.96 -12.65 -16.30
CA SER B 36 -55.32 -12.99 -14.95
C SER B 36 -54.57 -12.15 -13.91
N SER B 37 -53.79 -11.17 -14.37
CA SER B 37 -53.13 -10.22 -13.47
C SER B 37 -53.84 -8.86 -13.53
N SER B 38 -54.86 -8.79 -14.38
CA SER B 38 -55.54 -7.55 -14.70
C SER B 38 -55.91 -6.67 -13.50
N GLU B 39 -56.54 -7.27 -12.50
CA GLU B 39 -56.94 -6.54 -11.30
C GLU B 39 -55.69 -5.94 -10.65
N LYS B 40 -54.69 -6.79 -10.41
CA LYS B 40 -53.45 -6.40 -9.75
C LYS B 40 -52.68 -5.33 -10.52
N LEU B 41 -52.88 -5.28 -11.84
CA LEU B 41 -52.26 -4.30 -12.71
C LEU B 41 -53.09 -3.02 -12.88
N GLY B 42 -54.20 -2.93 -12.14
CA GLY B 42 -55.11 -1.80 -12.25
C GLY B 42 -55.99 -1.78 -13.49
N GLY B 43 -56.31 -2.97 -14.01
CA GLY B 43 -57.13 -3.11 -15.19
C GLY B 43 -56.30 -3.04 -16.45
N ALA B 44 -55.89 -4.21 -16.96
CA ALA B 44 -55.05 -4.29 -18.14
C ALA B 44 -55.50 -5.42 -19.03
N LYS B 45 -55.32 -5.24 -20.32
CA LYS B 45 -55.83 -6.19 -21.27
C LYS B 45 -54.85 -6.32 -22.41
N VAL B 46 -54.55 -7.56 -22.80
CA VAL B 46 -53.78 -7.77 -24.03
C VAL B 46 -54.70 -7.51 -25.23
N VAL B 47 -54.25 -6.58 -26.04
CA VAL B 47 -55.05 -5.94 -27.05
C VAL B 47 -54.48 -6.27 -28.43
N ALA B 48 -53.24 -6.77 -28.48
CA ALA B 48 -52.56 -7.10 -29.74
C ALA B 48 -51.40 -8.05 -29.49
N THR B 49 -51.17 -8.99 -30.42
CA THR B 49 -49.92 -9.73 -30.42
C THR B 49 -49.31 -9.64 -31.81
N ALA B 50 -48.04 -9.99 -31.92
CA ALA B 50 -47.37 -10.05 -33.21
C ALA B 50 -46.19 -10.99 -33.06
N VAL B 51 -45.84 -11.61 -34.18
CA VAL B 51 -44.68 -12.43 -34.23
C VAL B 51 -43.71 -11.79 -35.19
N VAL B 52 -42.44 -11.70 -34.79
CA VAL B 52 -41.36 -11.33 -35.72
C VAL B 52 -40.20 -12.33 -35.69
N PRO B 53 -39.39 -12.38 -36.75
CA PRO B 53 -38.18 -13.20 -36.74
C PRO B 53 -37.11 -12.59 -35.82
N ASP B 54 -36.01 -13.30 -35.65
CA ASP B 54 -34.88 -12.78 -34.90
C ASP B 54 -34.06 -11.81 -35.73
N GLU B 55 -34.63 -10.67 -36.08
CA GLU B 55 -33.96 -9.64 -36.88
C GLU B 55 -34.21 -8.27 -36.26
N VAL B 56 -33.16 -7.48 -36.04
CA VAL B 56 -33.31 -6.22 -35.27
C VAL B 56 -34.30 -5.24 -35.91
N GLU B 57 -34.23 -5.10 -37.23
CA GLU B 57 -35.12 -4.17 -37.95
C GLU B 57 -36.59 -4.52 -37.77
N ARG B 58 -36.90 -5.81 -37.87
CA ARG B 58 -38.26 -6.30 -37.64
C ARG B 58 -38.71 -6.01 -36.21
N ILE B 59 -37.81 -6.18 -35.23
CA ILE B 59 -38.15 -5.93 -33.84
C ILE B 59 -38.34 -4.43 -33.58
N LYS B 60 -37.38 -3.62 -34.01
CA LYS B 60 -37.46 -2.17 -33.87
C LYS B 60 -38.74 -1.59 -34.44
N ASP B 61 -39.11 -2.02 -35.66
CA ASP B 61 -40.25 -1.45 -36.36
C ASP B 61 -41.52 -1.63 -35.53
N ILE B 62 -41.71 -2.82 -34.97
CA ILE B 62 -42.90 -3.11 -34.20
C ILE B 62 -42.92 -2.30 -32.92
N LEU B 63 -41.81 -2.25 -32.22
CA LEU B 63 -41.72 -1.50 -30.97
C LEU B 63 -42.02 -0.03 -31.22
N GLN B 64 -41.49 0.48 -32.33
CA GLN B 64 -41.73 1.85 -32.71
C GLN B 64 -43.19 2.05 -33.00
N LYS B 65 -43.76 1.16 -33.82
CA LYS B 65 -45.15 1.27 -34.22
C LYS B 65 -46.04 1.21 -33.00
N TRP B 66 -45.82 0.24 -32.15
CA TRP B 66 -46.72 0.04 -31.02
C TRP B 66 -46.62 1.18 -29.99
N SER B 67 -45.44 1.78 -29.88
CA SER B 67 -45.24 2.92 -28.98
C SER B 67 -45.72 4.23 -29.62
N ASP B 68 -45.29 4.51 -30.86
CA ASP B 68 -45.50 5.84 -31.45
C ASP B 68 -46.87 6.00 -32.10
N VAL B 69 -47.34 4.95 -32.77
CA VAL B 69 -48.60 4.99 -33.49
C VAL B 69 -49.78 4.42 -32.68
N ASP B 70 -49.67 3.19 -32.19
CA ASP B 70 -50.77 2.55 -31.45
C ASP B 70 -50.88 2.97 -29.99
N GLU B 71 -49.81 3.59 -29.48
CA GLU B 71 -49.76 4.06 -28.10
C GLU B 71 -50.17 2.99 -27.10
N MET B 72 -49.49 1.85 -27.15
CA MET B 72 -49.64 0.83 -26.13
C MET B 72 -49.08 1.36 -24.80
N ASP B 73 -49.61 0.89 -23.70
CA ASP B 73 -49.06 1.27 -22.41
C ASP B 73 -47.92 0.36 -21.97
N LEU B 74 -48.05 -0.93 -22.27
CA LEU B 74 -47.08 -1.94 -21.90
C LEU B 74 -46.87 -2.89 -23.10
N ILE B 75 -45.60 -3.05 -23.48
CA ILE B 75 -45.21 -4.06 -24.45
C ILE B 75 -44.29 -5.08 -23.77
N LEU B 76 -44.64 -6.35 -23.88
CA LEU B 76 -43.79 -7.42 -23.39
C LEU B 76 -43.23 -8.13 -24.61
N THR B 77 -41.91 -8.28 -24.71
CA THR B 77 -41.36 -9.14 -25.75
C THR B 77 -41.01 -10.50 -25.15
N LEU B 78 -41.05 -11.55 -26.00
CA LEU B 78 -40.71 -12.91 -25.57
C LEU B 78 -39.69 -13.50 -26.52
N GLY B 79 -38.55 -13.88 -25.97
CA GLY B 79 -37.53 -14.50 -26.77
C GLY B 79 -36.42 -13.60 -27.25
N GLY B 80 -35.37 -14.24 -27.74
CA GLY B 80 -34.27 -13.54 -28.37
C GLY B 80 -33.38 -12.86 -27.36
N THR B 81 -33.39 -13.36 -26.11
CA THR B 81 -32.64 -12.73 -25.04
C THR B 81 -31.41 -13.47 -24.52
N GLY B 82 -31.08 -14.64 -25.09
CA GLY B 82 -29.95 -15.46 -24.68
C GLY B 82 -28.63 -15.17 -25.40
N PHE B 83 -27.74 -16.16 -25.38
CA PHE B 83 -26.34 -16.02 -25.82
C PHE B 83 -26.13 -16.50 -27.25
N THR B 84 -27.10 -17.23 -27.78
CA THR B 84 -27.21 -17.58 -29.20
C THR B 84 -26.96 -16.37 -30.08
N PRO B 85 -26.24 -16.53 -31.19
CA PRO B 85 -25.93 -15.39 -32.06
C PRO B 85 -27.15 -14.76 -32.69
N ARG B 86 -28.26 -15.48 -32.82
CA ARG B 86 -29.48 -14.87 -33.36
C ARG B 86 -30.22 -14.04 -32.30
N ASP B 87 -29.99 -14.32 -31.01
CA ASP B 87 -30.66 -13.60 -29.96
C ASP B 87 -30.28 -12.11 -29.99
N VAL B 88 -31.13 -11.29 -30.62
CA VAL B 88 -30.86 -9.85 -30.79
C VAL B 88 -31.93 -8.94 -30.20
N THR B 89 -32.89 -9.50 -29.45
CA THR B 89 -33.97 -8.67 -28.91
C THR B 89 -33.50 -7.47 -28.06
N PRO B 90 -32.57 -7.67 -27.13
CA PRO B 90 -32.12 -6.57 -26.27
C PRO B 90 -31.46 -5.46 -27.12
N GLU B 91 -30.65 -5.83 -28.09
CA GLU B 91 -30.03 -4.82 -28.96
C GLU B 91 -31.08 -4.00 -29.71
N ALA B 92 -32.10 -4.68 -30.24
CA ALA B 92 -33.19 -3.94 -30.88
C ALA B 92 -33.88 -3.05 -29.87
N THR B 93 -34.14 -3.59 -28.67
CA THR B 93 -34.86 -2.86 -27.65
C THR B 93 -34.12 -1.61 -27.20
N LYS B 94 -32.81 -1.73 -27.01
CA LYS B 94 -31.95 -0.62 -26.58
C LYS B 94 -31.95 0.53 -27.58
N LYS B 95 -32.08 0.23 -28.86
CA LYS B 95 -32.13 1.30 -29.86
C LYS B 95 -33.38 2.13 -29.74
N VAL B 96 -34.48 1.55 -29.26
CA VAL B 96 -35.75 2.28 -29.31
C VAL B 96 -36.18 2.85 -27.98
N ILE B 97 -35.65 2.37 -26.87
CA ILE B 97 -36.06 2.98 -25.59
C ILE B 97 -35.38 4.31 -25.33
N GLU B 98 -36.06 5.17 -24.58
CA GLU B 98 -35.54 6.49 -24.27
C GLU B 98 -35.04 6.60 -22.84
N ARG B 99 -35.73 5.92 -21.92
CA ARG B 99 -35.41 6.03 -20.52
C ARG B 99 -35.30 4.62 -19.94
N GLU B 100 -34.11 4.22 -19.52
CA GLU B 100 -33.94 2.85 -19.00
C GLU B 100 -34.69 2.69 -17.69
N THR B 101 -35.14 1.47 -17.43
CA THR B 101 -35.79 1.14 -16.16
C THR B 101 -35.05 -0.03 -15.51
N PRO B 102 -33.81 0.19 -15.06
CA PRO B 102 -32.94 -0.90 -14.58
C PRO B 102 -33.47 -1.65 -13.35
N GLY B 103 -34.32 -1.05 -12.54
CA GLY B 103 -34.92 -1.74 -11.41
C GLY B 103 -35.78 -2.93 -11.80
N LEU B 104 -36.53 -2.79 -12.91
CA LEU B 104 -37.34 -3.90 -13.41
C LEU B 104 -36.42 -5.07 -13.79
N LEU B 105 -35.26 -4.74 -14.38
CA LEU B 105 -34.30 -5.75 -14.80
C LEU B 105 -33.65 -6.40 -13.60
N PHE B 106 -33.35 -5.61 -12.57
CA PHE B 106 -32.72 -6.11 -11.36
C PHE B 106 -33.66 -7.12 -10.71
N VAL B 107 -34.92 -6.73 -10.54
CA VAL B 107 -35.91 -7.62 -9.92
C VAL B 107 -36.09 -8.94 -10.69
N MET B 108 -36.26 -8.86 -12.01
CA MET B 108 -36.43 -10.08 -12.81
C MET B 108 -35.23 -11.02 -12.66
N MET B 109 -34.03 -10.47 -12.72
CA MET B 109 -32.82 -11.27 -12.57
C MET B 109 -32.75 -11.84 -11.16
N GLN B 110 -32.98 -11.00 -10.16
CA GLN B 110 -32.90 -11.47 -8.78
C GLN B 110 -33.84 -12.65 -8.51
N GLU B 111 -35.09 -12.51 -8.94
CA GLU B 111 -36.05 -13.58 -8.71
C GLU B 111 -35.72 -14.82 -9.53
N ALA B 112 -35.41 -14.63 -10.80
CA ALA B 112 -35.10 -15.77 -11.69
C ALA B 112 -33.91 -16.60 -11.20
N LEU B 113 -32.91 -15.93 -10.60
CA LEU B 113 -31.75 -16.61 -10.05
C LEU B 113 -32.06 -17.45 -8.80
N LYS B 114 -33.19 -17.19 -8.15
CA LYS B 114 -33.61 -18.02 -7.03
C LYS B 114 -34.10 -19.37 -7.51
N ILE B 115 -34.54 -19.42 -8.75
CA ILE B 115 -35.03 -20.67 -9.30
C ILE B 115 -33.90 -21.49 -9.93
N THR B 116 -33.06 -20.84 -10.73
CA THR B 116 -31.96 -21.53 -11.41
C THR B 116 -30.86 -20.52 -11.71
N PRO B 117 -29.59 -20.93 -11.59
CA PRO B 117 -28.48 -20.07 -12.00
C PRO B 117 -28.43 -19.80 -13.51
N PHE B 118 -29.17 -20.56 -14.31
CA PHE B 118 -29.17 -20.31 -15.75
C PHE B 118 -29.81 -18.97 -16.09
N ALA B 119 -30.49 -18.40 -15.10
CA ALA B 119 -31.10 -17.08 -15.19
C ALA B 119 -30.06 -16.02 -15.59
N MET B 120 -28.82 -16.23 -15.20
CA MET B 120 -27.75 -15.28 -15.51
C MET B 120 -27.47 -15.19 -17.01
N LEU B 121 -27.99 -16.13 -17.79
CA LEU B 121 -27.86 -16.04 -19.23
C LEU B 121 -28.92 -15.18 -19.90
N SER B 122 -29.84 -14.59 -19.13
CA SER B 122 -30.78 -13.64 -19.71
C SER B 122 -30.08 -12.31 -19.93
N ARG B 123 -30.26 -11.73 -21.10
CA ARG B 123 -29.68 -10.43 -21.42
C ARG B 123 -30.78 -9.39 -21.63
N SER B 124 -31.94 -9.58 -21.00
CA SER B 124 -33.08 -8.70 -21.19
C SER B 124 -32.75 -7.22 -20.95
N ALA B 125 -33.34 -6.37 -21.79
CA ALA B 125 -33.40 -4.93 -21.54
C ALA B 125 -34.85 -4.55 -21.22
N ALA B 126 -35.03 -3.30 -20.80
CA ALA B 126 -36.32 -2.72 -20.50
C ALA B 126 -36.14 -1.22 -20.50
N GLY B 127 -37.22 -0.49 -20.82
CA GLY B 127 -37.21 0.95 -20.73
C GLY B 127 -38.52 1.52 -21.24
N ILE B 128 -38.63 2.84 -21.12
CA ILE B 128 -39.80 3.58 -21.57
C ILE B 128 -39.50 4.27 -22.91
N ARG B 129 -40.42 4.15 -23.85
CA ARG B 129 -40.40 4.98 -25.05
C ARG B 129 -41.70 5.78 -25.08
N GLY B 130 -41.60 7.10 -25.20
CA GLY B 130 -42.77 7.97 -25.15
C GLY B 130 -43.46 7.69 -23.84
N SER B 131 -44.69 7.19 -23.92
CA SER B 131 -45.36 6.70 -22.72
C SER B 131 -45.66 5.18 -22.76
N THR B 132 -44.80 4.43 -23.43
CA THR B 132 -44.90 2.98 -23.45
C THR B 132 -43.76 2.36 -22.65
N LEU B 133 -44.09 1.48 -21.70
CA LEU B 133 -43.10 0.65 -21.03
C LEU B 133 -42.83 -0.62 -21.83
N ILE B 134 -41.56 -0.83 -22.23
CA ILE B 134 -41.14 -2.04 -22.95
C ILE B 134 -40.25 -2.96 -22.08
N ILE B 135 -40.68 -4.23 -21.89
CA ILE B 135 -39.93 -5.20 -21.06
C ILE B 135 -39.60 -6.47 -21.84
N ASN B 136 -38.31 -6.76 -22.05
CA ASN B 136 -37.88 -8.02 -22.65
C ASN B 136 -38.05 -9.11 -21.63
N MET B 137 -38.61 -10.23 -22.07
CA MET B 137 -38.79 -11.40 -21.20
C MET B 137 -38.35 -12.62 -21.97
N PRO B 138 -37.92 -13.66 -21.23
CA PRO B 138 -37.40 -14.91 -21.86
C PRO B 138 -38.44 -15.66 -22.67
N GLY B 139 -37.95 -16.39 -23.66
CA GLY B 139 -38.80 -17.11 -24.59
C GLY B 139 -39.54 -18.36 -24.14
N ASN B 140 -39.23 -18.95 -22.98
CA ASN B 140 -39.97 -20.15 -22.60
C ASN B 140 -41.25 -19.86 -21.81
N PRO B 141 -42.33 -20.63 -22.09
CA PRO B 141 -43.69 -20.36 -21.56
C PRO B 141 -43.84 -20.02 -20.07
N ASN B 142 -43.03 -20.61 -19.19
CA ASN B 142 -43.13 -20.30 -17.77
C ASN B 142 -42.52 -18.98 -17.35
N ALA B 143 -41.66 -18.43 -18.20
CA ALA B 143 -40.90 -17.24 -17.86
C ALA B 143 -41.77 -16.01 -17.61
N VAL B 144 -42.76 -15.79 -18.48
CA VAL B 144 -43.61 -14.63 -18.34
C VAL B 144 -44.35 -14.70 -17.00
N ALA B 145 -44.73 -15.89 -16.57
CA ALA B 145 -45.49 -16.03 -15.34
C ALA B 145 -44.57 -15.68 -14.18
N GLU B 146 -43.34 -16.18 -14.26
CA GLU B 146 -42.36 -15.92 -13.23
C GLU B 146 -41.94 -14.45 -13.21
N CYS B 147 -41.62 -13.86 -14.37
CA CYS B 147 -41.24 -12.43 -14.42
C CYS B 147 -42.37 -11.50 -13.98
N MET B 148 -43.57 -11.83 -14.42
CA MET B 148 -44.73 -11.05 -14.04
C MET B 148 -44.99 -11.14 -12.54
N GLU B 149 -44.75 -12.30 -11.96
CA GLU B 149 -44.90 -12.42 -10.52
C GLU B 149 -43.88 -11.55 -9.79
N ALA B 150 -42.66 -11.47 -10.32
CA ALA B 150 -41.60 -10.68 -9.72
C ALA B 150 -41.92 -9.19 -9.81
N LEU B 151 -42.47 -8.76 -10.94
CA LEU B 151 -42.71 -7.34 -11.20
C LEU B 151 -44.01 -6.82 -10.62
N LEU B 152 -44.98 -7.72 -10.49
CA LEU B 152 -46.38 -7.38 -10.24
C LEU B 152 -46.63 -6.47 -9.06
N PRO B 153 -45.93 -6.67 -7.94
CA PRO B 153 -46.17 -5.79 -6.80
C PRO B 153 -46.06 -4.30 -7.15
N ALA B 154 -45.30 -3.95 -8.18
CA ALA B 154 -45.00 -2.53 -8.44
C ALA B 154 -45.40 -2.03 -9.81
N LEU B 155 -45.73 -2.97 -10.70
CA LEU B 155 -45.98 -2.67 -12.10
C LEU B 155 -47.20 -1.79 -12.31
N LYS B 156 -48.21 -1.95 -11.46
CA LYS B 156 -49.38 -1.10 -11.43
C LYS B 156 -48.95 0.36 -11.27
N HIS B 157 -48.17 0.65 -10.24
CA HIS B 157 -47.71 1.99 -10.00
C HIS B 157 -46.81 2.49 -11.14
N ALA B 158 -45.99 1.60 -11.69
CA ALA B 158 -45.19 1.93 -12.88
C ALA B 158 -46.06 2.49 -14.00
N LEU B 159 -47.15 1.80 -14.32
CA LEU B 159 -48.02 2.21 -15.44
C LEU B 159 -48.78 3.51 -15.17
N LYS B 160 -49.20 3.68 -13.93
CA LYS B 160 -49.83 4.92 -13.47
C LYS B 160 -48.87 6.12 -13.57
N GLN B 161 -47.64 5.94 -13.08
CA GLN B 161 -46.62 6.98 -13.16
C GLN B 161 -46.31 7.42 -14.61
N ILE B 162 -46.28 6.48 -15.54
CA ILE B 162 -46.02 6.83 -16.93
C ILE B 162 -47.15 7.70 -17.53
N LYS B 163 -48.28 7.73 -16.81
CA LYS B 163 -49.50 8.51 -17.09
C LYS B 163 -50.44 7.74 -18.01
N GLY B 164 -50.42 7.96 -19.21
N GLU C 5 -12.72 18.06 4.30
CA GLU C 5 -11.71 17.31 3.50
C GLU C 5 -12.29 16.71 2.18
N TYR C 6 -13.46 16.05 2.24
CA TYR C 6 -14.18 15.71 1.00
C TYR C 6 -15.27 16.73 0.80
N LYS C 7 -15.30 17.33 -0.39
CA LYS C 7 -16.26 18.36 -0.66
C LYS C 7 -17.48 17.68 -1.29
N VAL C 8 -18.60 17.71 -0.56
CA VAL C 8 -19.86 17.17 -1.06
C VAL C 8 -20.78 18.32 -1.51
N ALA C 9 -21.45 18.14 -2.63
CA ALA C 9 -22.52 19.04 -3.08
C ALA C 9 -23.82 18.25 -3.38
N ILE C 10 -24.96 18.87 -3.05
CA ILE C 10 -26.24 18.20 -3.17
C ILE C 10 -27.20 18.97 -4.08
N LEU C 11 -27.63 18.32 -5.15
CA LEU C 11 -28.47 18.93 -6.14
C LEU C 11 -29.89 18.41 -6.00
N THR C 12 -30.82 19.32 -5.76
CA THR C 12 -32.22 18.97 -5.69
C THR C 12 -32.83 19.20 -7.06
N VAL C 13 -33.45 18.16 -7.60
CA VAL C 13 -34.09 18.28 -8.90
C VAL C 13 -35.60 18.23 -8.69
N SER C 14 -36.27 19.33 -9.02
CA SER C 14 -37.72 19.45 -8.77
C SER C 14 -38.31 20.72 -9.37
N ASP C 15 -39.22 20.56 -10.34
CA ASP C 15 -39.94 21.68 -10.95
C ASP C 15 -40.60 22.56 -9.87
N THR C 16 -41.33 21.91 -8.96
CA THR C 16 -42.01 22.54 -7.85
C THR C 16 -41.09 23.41 -7.02
N VAL C 17 -39.99 22.85 -6.55
CA VAL C 17 -39.07 23.61 -5.69
C VAL C 17 -38.40 24.72 -6.48
N SER C 18 -37.98 24.42 -7.70
CA SER C 18 -37.30 25.41 -8.51
C SER C 18 -38.18 26.63 -8.82
N ALA C 19 -39.49 26.40 -9.00
CA ALA C 19 -40.44 27.48 -9.31
C ALA C 19 -40.83 28.30 -8.08
N GLY C 20 -40.40 27.88 -6.89
CA GLY C 20 -40.75 28.55 -5.65
C GLY C 20 -42.12 28.12 -5.14
N ALA C 21 -42.72 27.14 -5.82
CA ALA C 21 -44.06 26.67 -5.46
C ALA C 21 -44.06 25.78 -4.24
N GLY C 22 -42.88 25.40 -3.74
CA GLY C 22 -42.83 24.51 -2.60
C GLY C 22 -41.44 24.42 -2.00
N PRO C 23 -41.37 23.92 -0.76
CA PRO C 23 -40.09 23.84 -0.04
C PRO C 23 -39.28 22.62 -0.45
N ASP C 24 -38.00 22.65 -0.16
CA ASP C 24 -37.19 21.49 -0.33
C ASP C 24 -37.19 20.75 0.97
N ARG C 25 -37.82 19.59 0.99
CA ARG C 25 -37.88 18.78 2.19
C ARG C 25 -36.77 17.74 2.20
N SER C 26 -36.19 17.47 1.04
CA SER C 26 -35.17 16.42 0.92
C SER C 26 -33.76 16.93 1.04
N GLY C 27 -33.50 18.07 0.41
CA GLY C 27 -32.22 18.73 0.53
C GLY C 27 -31.67 18.70 1.95
N PRO C 28 -32.35 19.37 2.89
CA PRO C 28 -31.83 19.51 4.27
C PRO C 28 -31.57 18.16 4.92
N ARG C 29 -32.46 17.17 4.68
CA ARG C 29 -32.24 15.81 5.16
C ARG C 29 -30.92 15.22 4.64
N ALA C 30 -30.71 15.36 3.33
CA ALA C 30 -29.48 14.86 2.73
C ALA C 30 -28.27 15.54 3.37
N VAL C 31 -28.33 16.87 3.54
CA VAL C 31 -27.21 17.60 4.10
C VAL C 31 -26.90 17.00 5.45
N SER C 32 -27.95 16.79 6.20
CA SER C 32 -27.77 16.34 7.56
C SER C 32 -27.26 14.88 7.67
N VAL C 33 -27.72 14.00 6.77
CA VAL C 33 -27.18 12.64 6.65
C VAL C 33 -25.68 12.61 6.28
N VAL C 34 -25.28 13.38 5.27
CA VAL C 34 -23.86 13.45 4.93
C VAL C 34 -23.11 13.89 6.14
N ASP C 35 -23.56 15.02 6.70
CA ASP C 35 -22.92 15.67 7.84
C ASP C 35 -22.66 14.74 9.00
N SER C 36 -23.66 13.95 9.36
CA SER C 36 -23.52 13.02 10.47
C SER C 36 -22.88 11.67 10.03
N SER C 37 -22.47 11.57 8.77
CA SER C 37 -21.74 10.41 8.28
C SER C 37 -20.28 10.77 8.06
N SER C 38 -19.94 12.03 8.35
CA SER C 38 -18.63 12.62 8.07
C SER C 38 -17.44 11.76 8.49
N GLU C 39 -17.45 11.30 9.74
CA GLU C 39 -16.38 10.45 10.26
C GLU C 39 -16.26 9.20 9.39
N LYS C 40 -17.38 8.50 9.22
CA LYS C 40 -17.43 7.26 8.44
C LYS C 40 -17.02 7.45 6.97
N LEU C 41 -17.21 8.66 6.43
CA LEU C 41 -16.81 9.01 5.08
C LEU C 41 -15.39 9.53 4.99
N GLY C 42 -14.65 9.51 6.11
CA GLY C 42 -13.28 10.01 6.15
C GLY C 42 -13.14 11.53 6.19
N GLY C 43 -14.15 12.22 6.75
CA GLY C 43 -14.17 13.67 6.80
C GLY C 43 -14.77 14.25 5.54
N ALA C 44 -16.07 14.55 5.60
CA ALA C 44 -16.80 15.08 4.44
C ALA C 44 -17.79 16.12 4.90
N LYS C 45 -18.02 17.11 4.05
CA LYS C 45 -18.82 18.23 4.40
C LYS C 45 -19.62 18.68 3.18
N VAL C 46 -20.92 18.92 3.38
CA VAL C 46 -21.71 19.55 2.32
C VAL C 46 -21.36 21.03 2.27
N VAL C 47 -20.91 21.41 1.09
CA VAL C 47 -20.25 22.66 0.86
C VAL C 47 -21.09 23.52 -0.10
N ALA C 48 -22.09 22.90 -0.73
CA ALA C 48 -22.95 23.62 -1.69
C ALA C 48 -24.22 22.85 -1.96
N THR C 49 -25.33 23.56 -2.15
CA THR C 49 -26.53 22.93 -2.67
C THR C 49 -27.03 23.78 -3.80
N ALA C 50 -27.87 23.19 -4.66
CA ALA C 50 -28.56 23.94 -5.70
C ALA C 50 -29.84 23.22 -6.00
N VAL C 51 -30.79 23.97 -6.54
CA VAL C 51 -32.06 23.43 -6.97
C VAL C 51 -32.16 23.72 -8.44
N VAL C 52 -32.59 22.73 -9.20
CA VAL C 52 -32.89 22.90 -10.63
C VAL C 52 -34.28 22.29 -10.95
N PRO C 53 -34.90 22.74 -12.03
CA PRO C 53 -36.14 22.12 -12.50
C PRO C 53 -35.86 20.74 -13.15
N ASP C 54 -36.92 20.02 -13.51
CA ASP C 54 -36.77 18.74 -14.22
C ASP C 54 -36.48 18.97 -15.71
N GLU C 55 -35.30 19.51 -16.00
CA GLU C 55 -34.89 19.74 -17.38
C GLU C 55 -33.45 19.28 -17.54
N VAL C 56 -33.17 18.48 -18.56
CA VAL C 56 -31.83 17.87 -18.71
C VAL C 56 -30.70 18.88 -18.82
N GLU C 57 -30.93 19.98 -19.54
CA GLU C 57 -29.89 20.99 -19.73
C GLU C 57 -29.50 21.62 -18.39
N ARG C 58 -30.50 21.98 -17.59
CA ARG C 58 -30.24 22.55 -16.28
C ARG C 58 -29.49 21.56 -15.41
N ILE C 59 -29.82 20.28 -15.49
CA ILE C 59 -29.14 19.29 -14.67
C ILE C 59 -27.70 19.08 -15.13
N LYS C 60 -27.51 18.78 -16.41
CA LYS C 60 -26.18 18.66 -16.99
C LYS C 60 -25.24 19.82 -16.64
N ASP C 61 -25.73 21.06 -16.80
CA ASP C 61 -24.89 22.25 -16.59
C ASP C 61 -24.30 22.25 -15.19
N ILE C 62 -25.13 21.96 -14.19
CA ILE C 62 -24.67 21.98 -12.81
C ILE C 62 -23.66 20.87 -12.56
N LEU C 63 -23.97 19.67 -13.06
CA LEU C 63 -23.07 18.53 -12.85
C LEU C 63 -21.71 18.82 -13.49
N GLN C 64 -21.75 19.44 -14.68
CA GLN C 64 -20.53 19.84 -15.36
C GLN C 64 -19.80 20.87 -14.53
N LYS C 65 -20.48 21.93 -14.13
CA LYS C 65 -19.89 22.99 -13.36
C LYS C 65 -19.27 22.46 -12.07
N TRP C 66 -20.04 21.71 -11.30
CA TRP C 66 -19.57 21.21 -10.01
C TRP C 66 -18.42 20.23 -10.14
N SER C 67 -18.37 19.48 -11.24
CA SER C 67 -17.28 18.54 -11.49
C SER C 67 -16.04 19.23 -12.07
N ASP C 68 -16.23 20.03 -13.12
CA ASP C 68 -15.14 20.55 -13.90
C ASP C 68 -14.57 21.82 -13.30
N VAL C 69 -15.45 22.73 -12.85
CA VAL C 69 -14.99 24.02 -12.31
C VAL C 69 -14.77 24.00 -10.80
N ASP C 70 -15.77 23.58 -10.03
CA ASP C 70 -15.68 23.64 -8.56
C ASP C 70 -14.94 22.44 -7.96
N GLU C 71 -14.76 21.41 -8.77
CA GLU C 71 -14.07 20.19 -8.35
C GLU C 71 -14.60 19.60 -7.03
N MET C 72 -15.90 19.31 -7.00
CA MET C 72 -16.51 18.59 -5.91
C MET C 72 -16.01 17.16 -5.90
N ASP C 73 -15.96 16.55 -4.72
CA ASP C 73 -15.56 15.17 -4.69
C ASP C 73 -16.74 14.22 -4.88
N LEU C 74 -17.90 14.64 -4.40
CA LEU C 74 -19.10 13.82 -4.36
C LEU C 74 -20.27 14.74 -4.59
N ILE C 75 -21.07 14.38 -5.60
CA ILE C 75 -22.32 15.06 -5.87
C ILE C 75 -23.43 14.03 -5.68
N LEU C 76 -24.44 14.39 -4.88
CA LEU C 76 -25.65 13.61 -4.72
C LEU C 76 -26.75 14.39 -5.41
N THR C 77 -27.50 13.74 -6.30
CA THR C 77 -28.73 14.38 -6.79
C THR C 77 -29.93 13.74 -6.10
N LEU C 78 -30.99 14.53 -5.93
CA LEU C 78 -32.25 14.06 -5.32
C LEU C 78 -33.41 14.33 -6.25
N GLY C 79 -34.10 13.28 -6.66
CA GLY C 79 -35.32 13.46 -7.42
C GLY C 79 -35.12 13.23 -8.90
N GLY C 80 -36.24 13.08 -9.59
CA GLY C 80 -36.23 12.99 -11.03
C GLY C 80 -35.79 11.62 -11.51
N THR C 81 -35.97 10.60 -10.65
CA THR C 81 -35.51 9.24 -10.96
C THR C 81 -36.61 8.22 -11.23
N GLY C 82 -37.88 8.63 -11.18
CA GLY C 82 -38.99 7.71 -11.41
C GLY C 82 -39.47 7.57 -12.83
N PHE C 83 -40.72 7.12 -12.97
CA PHE C 83 -41.30 6.71 -14.27
C PHE C 83 -42.14 7.83 -14.89
N THR C 84 -42.44 8.84 -14.08
CA THR C 84 -43.01 10.11 -14.53
C THR C 84 -42.27 10.66 -15.76
N PRO C 85 -43.00 11.19 -16.74
CA PRO C 85 -42.36 11.74 -17.95
C PRO C 85 -41.41 12.89 -17.67
N ARG C 86 -41.57 13.60 -16.56
CA ARG C 86 -40.65 14.68 -16.25
C ARG C 86 -39.35 14.17 -15.60
N ASP C 87 -39.38 12.98 -15.00
CA ASP C 87 -38.20 12.40 -14.37
C ASP C 87 -37.08 12.15 -15.40
N VAL C 88 -36.13 13.09 -15.48
CA VAL C 88 -35.07 13.02 -16.47
C VAL C 88 -33.65 13.05 -15.85
N THR C 89 -33.56 12.93 -14.53
CA THR C 89 -32.25 13.03 -13.89
C THR C 89 -31.21 11.99 -14.38
N PRO C 90 -31.58 10.70 -14.49
CA PRO C 90 -30.64 9.69 -14.95
C PRO C 90 -30.19 9.99 -16.41
N GLU C 91 -31.11 10.40 -17.26
CA GLU C 91 -30.70 10.71 -18.63
C GLU C 91 -29.70 11.88 -18.64
N ALA C 92 -29.95 12.90 -17.82
CA ALA C 92 -28.99 13.99 -17.69
C ALA C 92 -27.65 13.48 -17.17
N THR C 93 -27.71 12.64 -16.15
CA THR C 93 -26.51 12.15 -15.50
C THR C 93 -25.64 11.29 -16.42
N LYS C 94 -26.30 10.42 -17.19
CA LYS C 94 -25.63 9.52 -18.14
C LYS C 94 -24.86 10.28 -19.18
N LYS C 95 -25.36 11.43 -19.63
CA LYS C 95 -24.62 12.29 -20.57
C LYS C 95 -23.31 12.83 -20.00
N VAL C 96 -23.20 13.01 -18.70
CA VAL C 96 -22.05 13.72 -18.18
C VAL C 96 -21.06 12.81 -17.48
N ILE C 97 -21.45 11.61 -17.07
CA ILE C 97 -20.47 10.75 -16.47
C ILE C 97 -19.55 10.10 -17.49
N GLU C 98 -18.36 9.72 -17.03
CA GLU C 98 -17.35 9.15 -17.90
C GLU C 98 -17.14 7.67 -17.62
N ARG C 99 -17.19 7.31 -16.35
CA ARG C 99 -16.96 5.95 -15.94
C ARG C 99 -18.11 5.48 -15.05
N GLU C 100 -18.89 4.49 -15.50
CA GLU C 100 -20.01 4.01 -14.69
C GLU C 100 -19.52 3.34 -13.42
N THR C 101 -20.34 3.43 -12.38
CA THR C 101 -20.08 2.75 -11.12
C THR C 101 -21.26 1.86 -10.74
N PRO C 102 -21.47 0.80 -11.50
CA PRO C 102 -22.69 0.00 -11.37
C PRO C 102 -22.85 -0.70 -10.04
N GLY C 103 -21.75 -0.94 -9.31
CA GLY C 103 -21.81 -1.54 -8.00
C GLY C 103 -22.56 -0.68 -6.99
N LEU C 104 -22.40 0.64 -7.08
CA LEU C 104 -23.13 1.57 -6.23
C LEU C 104 -24.61 1.42 -6.50
N LEU C 105 -24.99 1.25 -7.76
CA LEU C 105 -26.39 1.16 -8.15
C LEU C 105 -26.96 -0.17 -7.69
N PHE C 106 -26.16 -1.23 -7.79
CA PHE C 106 -26.61 -2.57 -7.40
C PHE C 106 -26.93 -2.56 -5.93
N VAL C 107 -26.02 -1.99 -5.13
CA VAL C 107 -26.19 -1.97 -3.68
C VAL C 107 -27.43 -1.15 -3.29
N MET C 108 -27.58 0.05 -3.87
CA MET C 108 -28.74 0.88 -3.52
C MET C 108 -30.06 0.17 -3.81
N MET C 109 -30.13 -0.49 -4.97
CA MET C 109 -31.31 -1.19 -5.40
C MET C 109 -31.58 -2.38 -4.49
N GLN C 110 -30.52 -3.13 -4.19
CA GLN C 110 -30.65 -4.34 -3.39
C GLN C 110 -31.18 -4.02 -2.01
N GLU C 111 -30.60 -3.00 -1.39
CA GLU C 111 -31.08 -2.60 -0.06
C GLU C 111 -32.46 -2.01 -0.11
N ALA C 112 -32.73 -1.11 -1.05
CA ALA C 112 -34.04 -0.47 -1.13
C ALA C 112 -35.16 -1.51 -1.32
N LEU C 113 -34.88 -2.58 -2.05
CA LEU C 113 -35.87 -3.62 -2.31
C LEU C 113 -36.22 -4.42 -1.07
N LYS C 114 -35.38 -4.37 -0.05
CA LYS C 114 -35.62 -5.06 1.20
C LYS C 114 -36.69 -4.35 1.96
N ILE C 115 -36.86 -3.06 1.68
CA ILE C 115 -37.82 -2.25 2.38
C ILE C 115 -39.14 -2.29 1.66
N THR C 116 -39.12 -2.15 0.33
CA THR C 116 -40.35 -2.12 -0.47
C THR C 116 -40.05 -2.52 -1.90
N PRO C 117 -40.94 -3.28 -2.55
CA PRO C 117 -40.79 -3.58 -3.98
C PRO C 117 -40.88 -2.34 -4.87
N PHE C 118 -41.40 -1.22 -4.35
CA PHE C 118 -41.52 -0.01 -5.16
C PHE C 118 -40.17 0.57 -5.51
N ALA C 119 -39.14 0.06 -4.82
CA ALA C 119 -37.75 0.39 -5.10
C ALA C 119 -37.34 0.09 -6.54
N MET C 120 -37.98 -0.90 -7.15
CA MET C 120 -37.69 -1.25 -8.54
C MET C 120 -38.07 -0.14 -9.51
N LEU C 121 -38.80 0.88 -9.05
CA LEU C 121 -39.14 2.00 -9.91
C LEU C 121 -38.11 3.10 -9.90
N SER C 122 -37.01 2.91 -9.18
CA SER C 122 -35.93 3.87 -9.24
C SER C 122 -35.13 3.59 -10.50
N ARG C 123 -34.78 4.65 -11.21
CA ARG C 123 -33.98 4.53 -12.41
C ARG C 123 -32.65 5.22 -12.26
N SER C 124 -32.14 5.27 -11.01
CA SER C 124 -30.92 6.02 -10.71
C SER C 124 -29.72 5.61 -11.55
N ALA C 125 -28.92 6.59 -11.92
CA ALA C 125 -27.63 6.35 -12.52
C ALA C 125 -26.55 6.87 -11.55
N ALA C 126 -25.29 6.53 -11.82
CA ALA C 126 -24.17 6.91 -11.00
C ALA C 126 -22.92 6.70 -11.81
N GLY C 127 -21.86 7.44 -11.50
CA GLY C 127 -20.60 7.32 -12.20
C GLY C 127 -19.67 8.44 -11.84
N ILE C 128 -18.45 8.37 -12.37
CA ILE C 128 -17.39 9.32 -12.10
C ILE C 128 -17.22 10.25 -13.28
N ARG C 129 -17.06 11.54 -13.02
CA ARG C 129 -16.66 12.46 -14.06
C ARG C 129 -15.41 13.18 -13.54
N GLY C 130 -14.33 13.17 -14.31
CA GLY C 130 -13.05 13.72 -13.86
C GLY C 130 -12.70 13.02 -12.56
N SER C 131 -12.62 13.78 -11.47
CA SER C 131 -12.48 13.13 -10.18
C SER C 131 -13.67 13.40 -9.25
N THR C 132 -14.85 13.56 -9.83
CA THR C 132 -16.09 13.70 -9.07
C THR C 132 -16.98 12.45 -9.18
N LEU C 133 -17.38 11.89 -8.04
CA LEU C 133 -18.37 10.82 -8.02
C LEU C 133 -19.80 11.39 -7.97
N ILE C 134 -20.62 11.02 -8.94
CA ILE C 134 -22.01 11.48 -9.04
C ILE C 134 -22.97 10.30 -8.82
N ILE C 135 -23.88 10.44 -7.83
CA ILE C 135 -24.86 9.39 -7.48
C ILE C 135 -26.29 9.94 -7.48
N ASN C 136 -27.15 9.39 -8.30
CA ASN C 136 -28.57 9.79 -8.31
C ASN C 136 -29.22 9.11 -7.14
N MET C 137 -30.01 9.87 -6.38
CA MET C 137 -30.79 9.29 -5.29
C MET C 137 -32.23 9.76 -5.42
N PRO C 138 -33.14 8.99 -4.83
CA PRO C 138 -34.58 9.28 -4.92
C PRO C 138 -34.97 10.57 -4.22
N GLY C 139 -36.05 11.17 -4.69
CA GLY C 139 -36.50 12.44 -4.18
C GLY C 139 -37.16 12.52 -2.81
N ASN C 140 -37.56 11.42 -2.19
CA ASN C 140 -38.20 11.55 -0.87
C ASN C 140 -37.19 11.58 0.32
N PRO C 141 -37.48 12.42 1.33
CA PRO C 141 -36.52 12.70 2.43
C PRO C 141 -35.80 11.51 3.11
N ASN C 142 -36.49 10.36 3.26
CA ASN C 142 -35.84 9.20 3.89
C ASN C 142 -34.85 8.45 3.01
N ALA C 143 -34.96 8.67 1.69
CA ALA C 143 -34.19 7.92 0.71
C ALA C 143 -32.68 8.14 0.84
N VAL C 144 -32.26 9.37 1.05
CA VAL C 144 -30.84 9.64 1.16
C VAL C 144 -30.26 8.93 2.39
N ALA C 145 -31.04 8.85 3.46
CA ALA C 145 -30.57 8.19 4.68
C ALA C 145 -30.40 6.71 4.42
N GLU C 146 -31.39 6.14 3.73
CA GLU C 146 -31.36 4.74 3.40
C GLU C 146 -30.24 4.42 2.38
N CYS C 147 -30.10 5.20 1.33
CA CYS C 147 -29.06 4.95 0.32
C CYS C 147 -27.69 5.15 0.88
N MET C 148 -27.53 6.19 1.70
CA MET C 148 -26.25 6.44 2.32
C MET C 148 -25.87 5.32 3.26
N GLU C 149 -26.85 4.75 3.95
CA GLU C 149 -26.57 3.64 4.84
C GLU C 149 -26.11 2.40 4.03
N ALA C 150 -26.73 2.19 2.88
CA ALA C 150 -26.35 1.09 2.00
C ALA C 150 -24.94 1.24 1.45
N LEU C 151 -24.57 2.47 1.09
CA LEU C 151 -23.28 2.75 0.44
C LEU C 151 -22.13 2.96 1.42
N LEU C 152 -22.46 3.39 2.62
CA LEU C 152 -21.52 3.93 3.58
C LEU C 152 -20.33 3.02 3.90
N PRO C 153 -20.56 1.71 4.05
CA PRO C 153 -19.43 0.82 4.34
C PRO C 153 -18.24 0.99 3.37
N ALA C 154 -18.48 1.40 2.14
CA ALA C 154 -17.44 1.40 1.11
C ALA C 154 -17.19 2.74 0.44
N LEU C 155 -18.05 3.71 0.71
CA LEU C 155 -17.98 5.01 0.06
C LEU C 155 -16.71 5.80 0.42
N LYS C 156 -16.22 5.61 1.65
CA LYS C 156 -14.97 6.20 2.08
C LYS C 156 -13.84 5.78 1.14
N HIS C 157 -13.70 4.46 0.96
CA HIS C 157 -12.71 3.92 0.06
C HIS C 157 -12.94 4.37 -1.40
N ALA C 158 -14.20 4.43 -1.83
CA ALA C 158 -14.51 5.00 -3.15
C ALA C 158 -13.89 6.40 -3.33
N LEU C 159 -14.08 7.27 -2.33
CA LEU C 159 -13.62 8.66 -2.47
C LEU C 159 -12.09 8.77 -2.44
N LYS C 160 -11.47 7.93 -1.62
CA LYS C 160 -10.03 7.84 -1.55
C LYS C 160 -9.43 7.36 -2.89
N GLN C 161 -10.03 6.31 -3.47
CA GLN C 161 -9.56 5.75 -4.73
C GLN C 161 -9.62 6.76 -5.87
N ILE C 162 -10.65 7.60 -5.90
CA ILE C 162 -10.79 8.61 -6.95
C ILE C 162 -9.68 9.69 -6.86
N LYS C 163 -9.06 9.76 -5.67
CA LYS C 163 -7.88 10.56 -5.33
C LYS C 163 -8.30 11.85 -4.61
N GLY C 164 -8.14 12.95 -5.14
N GLU D 5 21.25 42.36 -7.60
CA GLU D 5 22.57 42.20 -6.93
C GLU D 5 22.85 40.75 -6.41
N TYR D 6 21.88 40.10 -5.74
CA TYR D 6 21.96 38.63 -5.53
C TYR D 6 21.10 37.94 -6.54
N LYS D 7 21.68 37.00 -7.27
CA LYS D 7 20.95 36.29 -8.29
C LYS D 7 20.33 35.05 -7.65
N VAL D 8 19.00 35.04 -7.59
CA VAL D 8 18.25 33.89 -7.09
C VAL D 8 17.64 33.11 -8.27
N ALA D 9 17.67 31.78 -8.18
CA ALA D 9 16.99 30.93 -9.12
C ALA D 9 16.12 29.94 -8.33
N ILE D 10 14.97 29.58 -8.89
CA ILE D 10 14.00 28.72 -8.22
C ILE D 10 13.64 27.51 -9.06
N LEU D 11 13.92 26.33 -8.51
CA LEU D 11 13.71 25.07 -9.23
C LEU D 11 12.46 24.37 -8.69
N THR D 12 11.50 24.11 -9.58
CA THR D 12 10.31 23.40 -9.18
C THR D 12 10.53 21.95 -9.52
N VAL D 13 10.36 21.08 -8.53
CA VAL D 13 10.53 19.67 -8.78
C VAL D 13 9.18 19.01 -8.70
N SER D 14 8.71 18.42 -9.81
CA SER D 14 7.35 17.86 -9.89
C SER D 14 7.11 17.13 -11.21
N ASP D 15 6.87 15.83 -11.12
CA ASP D 15 6.53 14.99 -12.29
C ASP D 15 5.34 15.59 -13.05
N THR D 16 4.31 15.94 -12.30
CA THR D 16 3.05 16.50 -12.84
C THR D 16 3.29 17.76 -13.65
N VAL D 17 4.01 18.72 -13.07
CA VAL D 17 4.25 19.99 -13.73
C VAL D 17 5.18 19.82 -14.92
N SER D 18 6.22 18.99 -14.75
CA SER D 18 7.18 18.78 -15.83
C SER D 18 6.53 18.12 -17.05
N ALA D 19 5.54 17.25 -16.81
CA ALA D 19 4.86 16.54 -17.90
C ALA D 19 3.85 17.43 -18.63
N GLY D 20 3.58 18.61 -18.09
CA GLY D 20 2.55 19.49 -18.62
C GLY D 20 1.15 19.11 -18.13
N ALA D 21 1.06 18.13 -17.23
CA ALA D 21 -0.21 17.68 -16.71
C ALA D 21 -0.81 18.62 -15.70
N GLY D 22 -0.11 19.67 -15.31
CA GLY D 22 -0.66 20.60 -14.33
C GLY D 22 0.18 21.84 -14.19
N PRO D 23 -0.39 22.86 -13.58
CA PRO D 23 0.31 24.14 -13.41
C PRO D 23 1.28 24.15 -12.23
N ASP D 24 2.20 25.12 -12.24
CA ASP D 24 3.05 25.33 -11.11
C ASP D 24 2.39 26.38 -10.27
N ARG D 25 1.95 25.97 -9.08
CA ARG D 25 1.29 26.88 -8.19
C ARG D 25 2.27 27.42 -7.14
N SER D 26 3.42 26.76 -7.00
CA SER D 26 4.39 27.13 -5.97
C SER D 26 5.47 28.03 -6.49
N GLY D 27 5.98 27.72 -7.69
CA GLY D 27 6.92 28.58 -8.39
C GLY D 27 6.63 30.07 -8.24
N PRO D 28 5.46 30.52 -8.74
CA PRO D 28 5.11 31.96 -8.73
C PRO D 28 5.07 32.56 -7.32
N ARG D 29 4.57 31.78 -6.37
CA ARG D 29 4.59 32.18 -4.97
C ARG D 29 6.02 32.43 -4.47
N ALA D 30 6.90 31.48 -4.71
CA ALA D 30 8.28 31.62 -4.31
C ALA D 30 8.90 32.85 -4.94
N VAL D 31 8.68 33.07 -6.25
CA VAL D 31 9.30 34.19 -6.93
C VAL D 31 8.81 35.44 -6.21
N SER D 32 7.52 35.46 -5.95
CA SER D 32 6.97 36.65 -5.35
C SER D 32 7.44 36.90 -3.90
N VAL D 33 7.58 35.84 -3.10
CA VAL D 33 8.21 35.95 -1.78
C VAL D 33 9.65 36.49 -1.82
N VAL D 34 10.51 35.91 -2.66
CA VAL D 34 11.87 36.42 -2.78
C VAL D 34 11.81 37.87 -3.11
N ASP D 35 11.13 38.15 -4.21
CA ASP D 35 10.94 39.50 -4.72
C ASP D 35 10.55 40.55 -3.68
N SER D 36 9.60 40.22 -2.83
CA SER D 36 9.16 41.16 -1.81
C SER D 36 10.01 41.06 -0.52
N SER D 37 11.06 40.23 -0.55
CA SER D 37 12.01 40.15 0.57
C SER D 37 13.33 40.79 0.17
N SER D 38 13.36 41.30 -1.06
CA SER D 38 14.57 41.83 -1.71
C SER D 38 15.40 42.78 -0.84
N GLU D 39 14.75 43.78 -0.26
CA GLU D 39 15.40 44.73 0.62
C GLU D 39 16.06 43.97 1.79
N LYS D 40 15.25 43.17 2.49
CA LYS D 40 15.71 42.39 3.63
C LYS D 40 16.84 41.41 3.30
N LEU D 41 16.90 40.97 2.04
CA LEU D 41 17.95 40.10 1.55
C LEU D 41 19.15 40.84 1.00
N GLY D 42 19.17 42.16 1.13
CA GLY D 42 20.27 42.99 0.62
C GLY D 42 20.26 43.18 -0.89
N GLY D 43 19.06 43.16 -1.50
CA GLY D 43 18.91 43.30 -2.94
C GLY D 43 19.06 41.97 -3.66
N ALA D 44 17.94 41.30 -3.91
CA ALA D 44 17.95 39.99 -4.55
C ALA D 44 16.81 39.91 -5.52
N LYS D 45 17.00 39.14 -6.56
CA LYS D 45 16.04 39.08 -7.64
C LYS D 45 16.03 37.65 -8.19
N VAL D 46 14.83 37.12 -8.39
CA VAL D 46 14.72 35.87 -9.11
C VAL D 46 14.93 36.13 -10.59
N VAL D 47 15.89 35.41 -11.12
CA VAL D 47 16.50 35.70 -12.39
C VAL D 47 16.26 34.52 -13.32
N ALA D 48 15.85 33.39 -12.75
CA ALA D 48 15.62 32.17 -13.54
C ALA D 48 14.73 31.19 -12.80
N THR D 49 13.87 30.47 -13.53
CA THR D 49 13.17 29.34 -12.93
C THR D 49 13.32 28.17 -13.87
N ALA D 50 13.13 26.96 -13.33
CA ALA D 50 13.10 25.76 -14.18
C ALA D 50 12.23 24.74 -13.50
N VAL D 51 11.66 23.86 -14.30
CA VAL D 51 10.86 22.76 -13.81
C VAL D 51 11.56 21.48 -14.20
N VAL D 52 11.71 20.56 -13.26
CA VAL D 52 12.22 19.22 -13.56
C VAL D 52 11.28 18.16 -12.98
N PRO D 53 11.30 16.96 -13.54
CA PRO D 53 10.55 15.84 -12.95
C PRO D 53 11.21 15.34 -11.65
N ASP D 54 10.54 14.41 -10.97
CA ASP D 54 11.13 13.78 -9.78
C ASP D 54 12.20 12.73 -10.12
N GLU D 55 13.33 13.17 -10.67
CA GLU D 55 14.39 12.27 -11.07
C GLU D 55 15.73 12.88 -10.68
N VAL D 56 16.57 12.13 -9.94
CA VAL D 56 17.80 12.70 -9.37
C VAL D 56 18.75 13.33 -10.41
N GLU D 57 18.90 12.66 -11.56
CA GLU D 57 19.80 13.15 -12.61
C GLU D 57 19.36 14.51 -13.10
N ARG D 58 18.06 14.67 -13.34
CA ARG D 58 17.53 15.94 -13.82
C ARG D 58 17.73 17.00 -12.77
N ILE D 59 17.52 16.66 -11.50
CA ILE D 59 17.73 17.63 -10.42
C ILE D 59 19.21 17.99 -10.26
N LYS D 60 20.09 17.01 -10.17
CA LYS D 60 21.54 17.27 -10.11
C LYS D 60 22.05 18.17 -11.25
N ASP D 61 21.68 17.85 -12.49
CA ASP D 61 22.18 18.60 -13.65
C ASP D 61 21.91 20.08 -13.50
N ILE D 62 20.67 20.43 -13.11
CA ILE D 62 20.29 21.83 -13.00
C ILE D 62 21.08 22.49 -11.89
N LEU D 63 21.16 21.82 -10.73
CA LEU D 63 21.87 22.39 -9.58
C LEU D 63 23.33 22.66 -9.96
N GLN D 64 23.91 21.71 -10.68
CA GLN D 64 25.28 21.84 -11.16
C GLN D 64 25.39 23.02 -12.11
N LYS D 65 24.53 23.03 -13.12
CA LYS D 65 24.53 24.08 -14.13
C LYS D 65 24.36 25.46 -13.49
N TRP D 66 23.34 25.63 -12.68
CA TRP D 66 23.09 26.91 -12.04
C TRP D 66 24.18 27.36 -11.10
N SER D 67 24.87 26.41 -10.46
CA SER D 67 25.98 26.73 -9.56
C SER D 67 27.28 26.97 -10.32
N ASP D 68 27.63 26.04 -11.22
CA ASP D 68 28.96 26.02 -11.84
C ASP D 68 29.03 26.95 -13.05
N VAL D 69 28.00 26.91 -13.90
CA VAL D 69 27.99 27.73 -15.12
C VAL D 69 27.34 29.10 -14.95
N ASP D 70 26.12 29.16 -14.42
CA ASP D 70 25.39 30.44 -14.33
C ASP D 70 25.73 31.25 -13.09
N GLU D 71 26.41 30.60 -12.16
CA GLU D 71 26.87 31.24 -10.92
C GLU D 71 25.75 31.99 -10.21
N MET D 72 24.68 31.26 -9.86
CA MET D 72 23.61 31.80 -9.05
C MET D 72 24.12 31.98 -7.63
N ASP D 73 23.57 32.93 -6.90
CA ASP D 73 23.97 33.08 -5.52
C ASP D 73 23.12 32.23 -4.59
N LEU D 74 21.85 32.04 -4.95
CA LEU D 74 20.88 31.35 -4.12
C LEU D 74 19.96 30.56 -5.05
N ILE D 75 19.86 29.25 -4.82
CA ILE D 75 18.93 28.38 -5.50
C ILE D 75 17.96 27.85 -4.43
N LEU D 76 16.66 27.99 -4.71
CA LEU D 76 15.63 27.41 -3.85
C LEU D 76 15.03 26.31 -4.69
N THR D 77 14.88 25.12 -4.13
CA THR D 77 14.10 24.09 -4.80
C THR D 77 12.76 23.97 -4.09
N LEU D 78 11.74 23.53 -4.82
CA LEU D 78 10.40 23.33 -4.27
C LEU D 78 9.92 21.95 -4.64
N GLY D 79 9.51 21.19 -3.64
CA GLY D 79 8.99 19.86 -3.88
C GLY D 79 9.99 18.73 -3.76
N GLY D 80 9.46 17.52 -3.73
CA GLY D 80 10.24 16.31 -3.72
C GLY D 80 10.95 16.04 -2.40
N THR D 81 10.39 16.56 -1.30
CA THR D 81 11.05 16.47 -0.01
C THR D 81 10.36 15.55 1.01
N GLY D 82 9.24 14.94 0.64
CA GLY D 82 8.49 14.10 1.55
C GLY D 82 8.88 12.63 1.56
N PHE D 83 7.94 11.79 1.99
CA PHE D 83 8.21 10.38 2.26
C PHE D 83 7.79 9.48 1.12
N THR D 84 7.03 10.05 0.18
CA THR D 84 6.69 9.43 -1.10
C THR D 84 7.94 8.88 -1.76
N PRO D 85 7.83 7.70 -2.38
CA PRO D 85 8.99 7.10 -3.05
C PRO D 85 9.56 7.94 -4.20
N ARG D 86 8.77 8.81 -4.80
CA ARG D 86 9.32 9.66 -5.86
C ARG D 86 10.07 10.89 -5.31
N ASP D 87 9.78 11.29 -4.08
CA ASP D 87 10.45 12.42 -3.44
C ASP D 87 11.96 12.16 -3.31
N VAL D 88 12.75 12.69 -4.24
CA VAL D 88 14.18 12.42 -4.29
C VAL D 88 15.03 13.69 -4.29
N THR D 89 14.40 14.84 -4.05
CA THR D 89 15.14 16.11 -4.10
C THR D 89 16.36 16.16 -3.14
N PRO D 90 16.17 15.78 -1.86
CA PRO D 90 17.28 15.83 -0.89
C PRO D 90 18.42 14.91 -1.34
N GLU D 91 18.10 13.72 -1.86
CA GLU D 91 19.18 12.84 -2.30
C GLU D 91 19.97 13.49 -3.43
N ALA D 92 19.26 14.12 -4.38
CA ALA D 92 19.93 14.81 -5.47
C ALA D 92 20.77 15.96 -4.92
N THR D 93 20.21 16.71 -3.98
CA THR D 93 20.88 17.89 -3.45
C THR D 93 22.16 17.53 -2.71
N LYS D 94 22.09 16.47 -1.89
CA LYS D 94 23.22 15.97 -1.11
C LYS D 94 24.41 15.54 -1.99
N LYS D 95 24.14 15.01 -3.18
CA LYS D 95 25.21 14.67 -4.12
C LYS D 95 25.99 15.90 -4.61
N VAL D 96 25.34 17.05 -4.72
CA VAL D 96 25.98 18.19 -5.34
C VAL D 96 26.51 19.20 -4.38
N ILE D 97 26.02 19.24 -3.14
CA ILE D 97 26.56 20.25 -2.23
C ILE D 97 27.94 19.84 -1.67
N GLU D 98 28.71 20.86 -1.31
CA GLU D 98 30.08 20.66 -0.83
C GLU D 98 30.19 20.92 0.65
N ARG D 99 29.43 21.90 1.14
CA ARG D 99 29.50 22.27 2.54
C ARG D 99 28.07 22.35 3.11
N GLU D 100 27.76 21.52 4.10
CA GLU D 100 26.42 21.51 4.63
C GLU D 100 26.16 22.79 5.42
N THR D 101 24.89 23.20 5.48
CA THR D 101 24.49 24.33 6.26
C THR D 101 23.33 23.92 7.17
N PRO D 102 23.63 23.08 8.15
CA PRO D 102 22.59 22.47 9.00
C PRO D 102 21.79 23.47 9.85
N GLY D 103 22.33 24.65 10.14
CA GLY D 103 21.59 25.67 10.86
C GLY D 103 20.35 26.16 10.13
N LEU D 104 20.46 26.30 8.79
CA LEU D 104 19.31 26.67 7.97
C LEU D 104 18.23 25.59 8.09
N LEU D 105 18.67 24.32 8.16
CA LEU D 105 17.71 23.22 8.23
C LEU D 105 17.06 23.20 9.59
N PHE D 106 17.86 23.46 10.61
CA PHE D 106 17.35 23.43 11.98
C PHE D 106 16.26 24.47 12.12
N VAL D 107 16.56 25.70 11.63
CA VAL D 107 15.62 26.79 11.76
C VAL D 107 14.31 26.52 11.00
N MET D 108 14.41 26.05 9.74
CA MET D 108 13.19 25.74 8.97
C MET D 108 12.31 24.72 9.68
N MET D 109 12.94 23.66 10.20
CA MET D 109 12.22 22.63 10.89
C MET D 109 11.57 23.17 12.17
N GLN D 110 12.37 23.93 12.92
CA GLN D 110 11.91 24.44 14.20
C GLN D 110 10.67 25.31 14.01
N GLU D 111 10.74 26.23 13.05
CA GLU D 111 9.61 27.11 12.79
C GLU D 111 8.42 26.37 12.21
N ALA D 112 8.65 25.49 11.23
CA ALA D 112 7.53 24.76 10.62
C ALA D 112 6.76 23.92 11.64
N LEU D 113 7.48 23.32 12.60
CA LEU D 113 6.87 22.51 13.65
C LEU D 113 5.98 23.31 14.60
N LYS D 114 6.14 24.62 14.62
CA LYS D 114 5.28 25.47 15.44
C LYS D 114 3.92 25.58 14.80
N ILE D 115 3.88 25.37 13.49
CA ILE D 115 2.61 25.47 12.79
C ILE D 115 1.91 24.12 12.80
N THR D 116 2.62 23.05 12.47
CA THR D 116 2.03 21.71 12.40
C THR D 116 3.10 20.67 12.67
N PRO D 117 2.75 19.59 13.35
CA PRO D 117 3.68 18.45 13.50
C PRO D 117 4.02 17.73 12.18
N PHE D 118 3.23 17.94 11.13
CA PHE D 118 3.51 17.28 9.84
C PHE D 118 4.80 17.81 9.23
N ALA D 119 5.30 18.90 9.80
CA ALA D 119 6.59 19.47 9.43
C ALA D 119 7.73 18.45 9.55
N MET D 120 7.60 17.51 10.48
CA MET D 120 8.62 16.49 10.69
C MET D 120 8.78 15.55 9.49
N LEU D 121 7.83 15.58 8.56
CA LEU D 121 7.93 14.78 7.34
C LEU D 121 8.73 15.48 6.23
N SER D 122 9.21 16.68 6.50
CA SER D 122 10.12 17.31 5.56
C SER D 122 11.48 16.66 5.70
N ARG D 123 12.08 16.31 4.57
CA ARG D 123 13.42 15.74 4.54
C ARG D 123 14.43 16.67 3.87
N SER D 124 14.14 17.98 3.88
CA SER D 124 14.97 18.95 3.15
C SER D 124 16.45 18.87 3.48
N ALA D 125 17.27 19.07 2.46
CA ALA D 125 18.68 19.30 2.65
C ALA D 125 19.02 20.74 2.24
N ALA D 126 20.25 21.17 2.50
CA ALA D 126 20.72 22.50 2.16
C ALA D 126 22.23 22.48 2.27
N GLY D 127 22.89 23.39 1.57
CA GLY D 127 24.33 23.49 1.62
C GLY D 127 24.85 24.36 0.50
N ILE D 128 26.17 24.56 0.50
CA ILE D 128 26.83 25.46 -0.44
C ILE D 128 27.59 24.64 -1.47
N ARG D 129 27.47 25.04 -2.74
CA ARG D 129 28.30 24.49 -3.79
C ARG D 129 29.00 25.67 -4.47
N GLY D 130 30.32 25.60 -4.60
CA GLY D 130 31.12 26.72 -5.08
C GLY D 130 30.76 27.93 -4.24
N SER D 131 30.15 28.93 -4.86
CA SER D 131 29.62 30.06 -4.09
C SER D 131 28.08 30.21 -4.22
N THR D 132 27.43 29.07 -4.45
CA THR D 132 25.99 29.02 -4.48
C THR D 132 25.41 28.36 -3.23
N LEU D 133 24.48 29.04 -2.55
CA LEU D 133 23.70 28.45 -1.46
C LEU D 133 22.44 27.76 -2.00
N ILE D 134 22.31 26.45 -1.76
CA ILE D 134 21.16 25.67 -2.22
C ILE D 134 20.30 25.23 -1.02
N ILE D 135 19.00 25.57 -1.05
CA ILE D 135 18.06 25.25 0.05
C ILE D 135 16.83 24.51 -0.49
N ASN D 136 16.61 23.28 -0.03
CA ASN D 136 15.42 22.53 -0.38
C ASN D 136 14.27 23.08 0.41
N MET D 137 13.14 23.35 -0.25
CA MET D 137 11.93 23.83 0.44
C MET D 137 10.75 22.99 -0.01
N PRO D 138 9.71 22.91 0.83
CA PRO D 138 8.55 22.04 0.56
C PRO D 138 7.74 22.50 -0.65
N GLY D 139 7.04 21.57 -1.26
CA GLY D 139 6.33 21.83 -2.49
C GLY D 139 5.04 22.61 -2.45
N ASN D 140 4.43 22.84 -1.29
CA ASN D 140 3.15 23.58 -1.28
C ASN D 140 3.35 25.11 -1.21
N PRO D 141 2.52 25.87 -1.94
CA PRO D 141 2.69 27.33 -2.13
C PRO D 141 2.99 28.20 -0.88
N ASN D 142 2.43 27.87 0.29
CA ASN D 142 2.69 28.66 1.49
C ASN D 142 4.04 28.41 2.14
N ALA D 143 4.66 27.29 1.76
CA ALA D 143 5.86 26.82 2.43
C ALA D 143 7.04 27.76 2.24
N VAL D 144 7.22 28.25 1.02
CA VAL D 144 8.30 29.17 0.73
C VAL D 144 8.17 30.45 1.52
N ALA D 145 6.95 30.92 1.71
CA ALA D 145 6.71 32.12 2.50
C ALA D 145 7.09 31.90 3.96
N GLU D 146 6.66 30.75 4.49
CA GLU D 146 7.00 30.37 5.85
C GLU D 146 8.50 30.12 6.03
N CYS D 147 9.14 29.38 5.14
CA CYS D 147 10.58 29.10 5.31
C CYS D 147 11.37 30.36 5.17
N MET D 148 11.00 31.17 4.19
CA MET D 148 11.73 32.41 3.99
C MET D 148 11.58 33.31 5.19
N GLU D 149 10.43 33.28 5.83
CA GLU D 149 10.25 34.10 7.02
C GLU D 149 11.18 33.62 8.16
N ALA D 150 11.32 32.31 8.29
CA ALA D 150 12.17 31.72 9.30
C ALA D 150 13.65 32.02 9.01
N LEU D 151 14.07 32.00 7.75
CA LEU D 151 15.48 32.19 7.40
C LEU D 151 15.91 33.66 7.29
N LEU D 152 14.96 34.51 6.93
CA LEU D 152 15.18 35.88 6.52
C LEU D 152 16.04 36.72 7.45
N PRO D 153 15.85 36.62 8.76
CA PRO D 153 16.69 37.41 9.67
C PRO D 153 18.20 37.29 9.37
N ALA D 154 18.65 36.16 8.84
CA ALA D 154 20.08 35.87 8.76
C ALA D 154 20.59 35.58 7.35
N LEU D 155 19.66 35.40 6.42
CA LEU D 155 19.98 34.96 5.07
C LEU D 155 20.77 36.01 4.30
N LYS D 156 20.51 37.28 4.59
CA LYS D 156 21.29 38.38 4.04
C LYS D 156 22.77 38.18 4.37
N HIS D 157 23.08 38.02 5.65
CA HIS D 157 24.44 37.79 6.07
C HIS D 157 25.04 36.48 5.48
N ALA D 158 24.20 35.45 5.37
CA ALA D 158 24.63 34.21 4.71
C ALA D 158 25.17 34.48 3.31
N LEU D 159 24.42 35.28 2.52
CA LEU D 159 24.78 35.52 1.11
C LEU D 159 26.03 36.40 0.99
N LYS D 160 26.13 37.38 1.88
CA LYS D 160 27.30 38.21 1.98
C LYS D 160 28.55 37.40 2.30
N GLN D 161 28.46 36.52 3.31
CA GLN D 161 29.58 35.67 3.74
C GLN D 161 30.07 34.75 2.61
N ILE D 162 29.16 34.23 1.80
CA ILE D 162 29.58 33.34 0.71
C ILE D 162 30.37 34.08 -0.41
N LYS D 163 30.21 35.41 -0.46
CA LYS D 163 31.09 36.33 -1.21
C LYS D 163 30.45 36.83 -2.52
N GLY D 164 30.90 36.44 -3.60
N GLU E 5 42.37 14.69 34.98
CA GLU E 5 41.66 13.39 34.75
C GLU E 5 41.03 13.25 33.33
N TYR E 6 40.31 14.25 32.83
CA TYR E 6 39.97 14.28 31.39
C TYR E 6 40.92 15.24 30.69
N LYS E 7 41.59 14.75 29.66
CA LYS E 7 42.53 15.58 28.93
C LYS E 7 41.82 16.31 27.81
N VAL E 8 41.74 17.64 27.96
CA VAL E 8 41.12 18.50 26.94
C VAL E 8 42.22 19.17 26.11
N ALA E 9 42.01 19.23 24.80
CA ALA E 9 42.86 20.02 23.91
C ALA E 9 42.01 20.99 23.03
N ILE E 10 42.50 22.20 22.84
CA ILE E 10 41.76 23.25 22.13
C ILE E 10 42.48 23.74 20.85
N LEU E 11 41.83 23.55 19.71
CA LEU E 11 42.42 23.90 18.43
C LEU E 11 41.80 25.20 17.92
N THR E 12 42.63 26.20 17.67
CA THR E 12 42.18 27.43 17.10
C THR E 12 42.42 27.34 15.61
N VAL E 13 41.35 27.56 14.85
CA VAL E 13 41.48 27.54 13.40
C VAL E 13 41.35 28.97 12.90
N SER E 14 42.42 29.48 12.27
CA SER E 14 42.47 30.87 11.85
C SER E 14 43.71 31.18 11.02
N ASP E 15 43.50 31.54 9.75
CA ASP E 15 44.56 32.01 8.85
C ASP E 15 45.35 33.14 9.50
N THR E 16 44.61 34.13 10.02
CA THR E 16 45.18 35.31 10.68
C THR E 16 46.11 34.99 11.83
N VAL E 17 45.63 34.17 12.76
CA VAL E 17 46.41 33.85 13.94
C VAL E 17 47.58 32.95 13.55
N SER E 18 47.34 32.00 12.65
CA SER E 18 48.38 31.09 12.23
C SER E 18 49.56 31.82 11.55
N ALA E 19 49.25 32.87 10.79
CA ALA E 19 50.29 33.63 10.07
C ALA E 19 51.06 34.61 11.00
N GLY E 20 50.61 34.76 12.25
CA GLY E 20 51.21 35.70 13.16
C GLY E 20 50.68 37.11 12.98
N ALA E 21 49.69 37.26 12.11
CA ALA E 21 49.12 38.57 11.80
C ALA E 21 48.17 39.05 12.89
N GLY E 22 47.86 38.21 13.87
CA GLY E 22 46.95 38.64 14.91
C GLY E 22 46.94 37.69 16.10
N PRO E 23 46.40 38.14 17.21
CA PRO E 23 46.37 37.35 18.43
C PRO E 23 45.20 36.39 18.47
N ASP E 24 45.33 35.38 19.32
CA ASP E 24 44.23 34.48 19.55
C ASP E 24 43.46 35.02 20.73
N ARG E 25 42.24 35.44 20.48
CA ARG E 25 41.41 36.04 21.51
C ARG E 25 40.45 35.01 22.03
N SER E 26 40.29 33.93 21.28
CA SER E 26 39.29 32.91 21.64
C SER E 26 39.87 31.75 22.42
N GLY E 27 41.05 31.30 21.97
CA GLY E 27 41.81 30.26 22.65
C GLY E 27 41.79 30.42 24.16
N PRO E 28 42.33 31.55 24.68
CA PRO E 28 42.47 31.74 26.13
C PRO E 28 41.12 31.71 26.86
N ARG E 29 40.11 32.30 26.23
CA ARG E 29 38.75 32.25 26.76
C ARG E 29 38.28 30.80 26.89
N ALA E 30 38.49 30.01 25.84
CA ALA E 30 38.08 28.60 25.85
C ALA E 30 38.79 27.85 26.97
N VAL E 31 40.12 28.02 27.04
CA VAL E 31 40.91 27.38 28.11
C VAL E 31 40.27 27.73 29.44
N SER E 32 39.99 29.00 29.61
CA SER E 32 39.50 29.44 30.89
C SER E 32 38.06 28.94 31.24
N VAL E 33 37.17 28.87 30.25
CA VAL E 33 35.87 28.20 30.42
C VAL E 33 36.00 26.70 30.80
N VAL E 34 36.85 25.95 30.10
CA VAL E 34 37.00 24.54 30.43
C VAL E 34 37.46 24.47 31.86
N ASP E 35 38.52 25.22 32.12
CA ASP E 35 39.17 25.24 33.41
C ASP E 35 38.24 25.51 34.56
N SER E 36 37.35 26.47 34.39
CA SER E 36 36.40 26.78 35.44
C SER E 36 35.12 25.93 35.36
N SER E 37 35.09 24.95 34.47
CA SER E 37 33.98 24.00 34.38
C SER E 37 34.45 22.63 34.88
N SER E 38 35.72 22.57 35.27
CA SER E 38 36.41 21.33 35.64
C SER E 38 35.64 20.39 36.57
N GLU E 39 35.10 20.93 37.66
CA GLU E 39 34.34 20.15 38.61
C GLU E 39 33.13 19.56 37.88
N LYS E 40 32.36 20.42 37.23
CA LYS E 40 31.14 20.03 36.54
C LYS E 40 31.39 19.01 35.41
N LEU E 41 32.61 19.05 34.85
CA LEU E 41 33.05 18.08 33.85
C LEU E 41 33.67 16.80 34.41
N GLY E 42 33.65 16.66 35.74
CA GLY E 42 34.24 15.52 36.42
C GLY E 42 35.76 15.52 36.48
N GLY E 43 36.36 16.72 36.57
CA GLY E 43 37.79 16.88 36.58
C GLY E 43 38.37 16.86 35.17
N ALA E 44 38.51 18.05 34.58
CA ALA E 44 39.06 18.17 33.23
C ALA E 44 40.05 19.33 33.18
N LYS E 45 41.04 19.20 32.32
CA LYS E 45 42.09 20.18 32.24
C LYS E 45 42.50 20.36 30.77
N VAL E 46 42.63 21.61 30.35
CA VAL E 46 43.24 21.85 29.06
C VAL E 46 44.73 21.63 29.17
N VAL E 47 45.20 20.71 28.37
CA VAL E 47 46.51 20.13 28.46
C VAL E 47 47.34 20.49 27.22
N ALA E 48 46.69 21.05 26.20
CA ALA E 48 47.38 21.41 24.94
C ALA E 48 46.54 22.33 24.11
N THR E 49 47.18 23.28 23.43
CA THR E 49 46.49 24.07 22.40
C THR E 49 47.33 24.04 21.17
N ALA E 50 46.72 24.34 20.04
CA ALA E 50 47.44 24.53 18.78
C ALA E 50 46.66 25.48 17.91
N VAL E 51 47.37 26.15 17.01
CA VAL E 51 46.76 27.01 16.02
C VAL E 51 47.07 26.45 14.65
N VAL E 52 46.05 26.37 13.80
CA VAL E 52 46.23 26.00 12.41
C VAL E 52 45.52 26.99 11.50
N PRO E 53 45.99 27.12 10.25
CA PRO E 53 45.29 27.94 9.26
C PRO E 53 43.96 27.32 8.82
N ASP E 54 43.19 28.03 8.02
CA ASP E 54 41.95 27.50 7.50
C ASP E 54 42.22 26.56 6.30
N GLU E 55 42.83 25.41 6.57
CA GLU E 55 43.17 24.44 5.54
C GLU E 55 42.84 23.03 6.04
N VAL E 56 42.06 22.26 5.26
CA VAL E 56 41.53 20.99 5.76
C VAL E 56 42.61 20.00 6.22
N GLU E 57 43.72 19.94 5.46
CA GLU E 57 44.81 19.00 5.76
C GLU E 57 45.43 19.31 7.11
N ARG E 58 45.70 20.60 7.36
CA ARG E 58 46.24 21.04 8.63
C ARG E 58 45.29 20.69 9.76
N ILE E 59 43.99 20.91 9.56
CA ILE E 59 43.02 20.61 10.60
C ILE E 59 42.92 19.09 10.84
N LYS E 60 42.69 18.32 9.77
CA LYS E 60 42.67 16.85 9.87
C LYS E 60 43.88 16.27 10.65
N ASP E 61 45.09 16.66 10.24
CA ASP E 61 46.32 16.15 10.84
C ASP E 61 46.30 16.28 12.34
N ILE E 62 45.91 17.45 12.83
CA ILE E 62 45.93 17.70 14.27
C ILE E 62 44.89 16.84 14.98
N LEU E 63 43.69 16.80 14.41
CA LEU E 63 42.60 16.02 14.99
C LEU E 63 43.00 14.54 15.06
N GLN E 64 43.70 14.09 14.01
CA GLN E 64 44.17 12.72 13.95
C GLN E 64 45.21 12.51 15.03
N LYS E 65 46.21 13.38 15.04
CA LYS E 65 47.29 13.29 16.00
C LYS E 65 46.77 13.30 17.41
N TRP E 66 45.91 14.24 17.73
CA TRP E 66 45.47 14.38 19.12
C TRP E 66 44.58 13.21 19.56
N SER E 67 43.85 12.64 18.60
CA SER E 67 42.99 11.51 18.88
C SER E 67 43.80 10.20 18.90
N ASP E 68 44.61 9.97 17.87
CA ASP E 68 45.23 8.67 17.67
C ASP E 68 46.51 8.51 18.48
N VAL E 69 47.33 9.56 18.53
CA VAL E 69 48.62 9.49 19.21
C VAL E 69 48.57 10.00 20.64
N ASP E 70 48.05 11.21 20.85
CA ASP E 70 48.08 11.81 22.20
C ASP E 70 46.93 11.35 23.07
N GLU E 71 45.93 10.74 22.45
CA GLU E 71 44.75 10.23 23.16
C GLU E 71 44.11 11.29 24.07
N MET E 72 43.71 12.42 23.49
CA MET E 72 42.93 13.41 24.22
C MET E 72 41.53 12.85 24.42
N ASP E 73 40.87 13.26 25.50
CA ASP E 73 39.49 12.83 25.72
C ASP E 73 38.49 13.76 25.06
N LEU E 74 38.83 15.05 24.99
CA LEU E 74 37.93 16.07 24.43
C LEU E 74 38.76 17.09 23.63
N ILE E 75 38.40 17.28 22.37
CA ILE E 75 39.01 18.31 21.54
C ILE E 75 37.93 19.33 21.16
N LEU E 76 38.18 20.59 21.49
CA LEU E 76 37.31 21.67 21.04
C LEU E 76 38.01 22.40 19.93
N THR E 77 37.35 22.57 18.80
CA THR E 77 37.91 23.50 17.80
C THR E 77 37.19 24.84 17.87
N LEU E 78 37.88 25.91 17.50
CA LEU E 78 37.29 27.26 17.47
C LEU E 78 37.54 27.87 16.12
N GLY E 79 36.47 28.30 15.47
CA GLY E 79 36.58 28.97 14.19
C GLY E 79 36.41 28.09 12.98
N GLY E 80 36.23 28.75 11.85
CA GLY E 80 36.16 28.09 10.56
C GLY E 80 34.83 27.38 10.33
N THR E 81 33.79 27.82 11.03
CA THR E 81 32.48 27.18 10.97
C THR E 81 31.38 27.93 10.22
N GLY E 82 31.68 29.10 9.65
CA GLY E 82 30.70 29.96 8.97
C GLY E 82 30.54 29.71 7.48
N PHE E 83 30.05 30.72 6.77
CA PHE E 83 29.66 30.60 5.37
C PHE E 83 30.72 31.11 4.42
N THR E 84 31.70 31.83 4.96
CA THR E 84 32.93 32.23 4.27
C THR E 84 33.56 31.05 3.54
N PRO E 85 34.11 31.27 2.35
CA PRO E 85 34.71 30.18 1.57
C PRO E 85 35.91 29.54 2.24
N ARG E 86 36.61 30.26 3.10
CA ARG E 86 37.71 29.66 3.83
C ARG E 86 37.25 28.78 5.00
N ASP E 87 36.05 29.02 5.54
CA ASP E 87 35.55 28.24 6.66
C ASP E 87 35.41 26.75 6.27
N VAL E 88 36.43 25.96 6.60
CA VAL E 88 36.45 24.53 6.24
C VAL E 88 36.54 23.57 7.44
N THR E 89 36.37 24.10 8.66
CA THR E 89 36.54 23.25 9.86
C THR E 89 35.60 22.02 9.89
N PRO E 90 34.30 22.20 9.63
CA PRO E 90 33.36 21.07 9.68
C PRO E 90 33.73 20.02 8.61
N GLU E 91 34.09 20.44 7.40
CA GLU E 91 34.48 19.45 6.40
C GLU E 91 35.71 18.64 6.84
N ALA E 92 36.72 19.30 7.41
CA ALA E 92 37.85 18.58 7.97
C ALA E 92 37.38 17.65 9.08
N THR E 93 36.52 18.15 9.95
CA THR E 93 36.09 17.36 11.09
C THR E 93 35.35 16.10 10.66
N LYS E 94 34.45 16.26 9.69
CA LYS E 94 33.64 15.15 9.17
C LYS E 94 34.50 14.04 8.59
N LYS E 95 35.65 14.37 8.02
CA LYS E 95 36.55 13.34 7.50
C LYS E 95 37.14 12.47 8.58
N VAL E 96 37.31 13.00 9.77
CA VAL E 96 38.05 12.25 10.79
C VAL E 96 37.16 11.64 11.85
N ILE E 97 35.92 12.09 11.99
CA ILE E 97 35.11 11.44 13.03
C ILE E 97 34.51 10.11 12.57
N GLU E 98 34.27 9.23 13.52
CA GLU E 98 33.78 7.90 13.23
C GLU E 98 32.31 7.74 13.61
N ARG E 99 31.92 8.41 14.69
CA ARG E 99 30.57 8.27 15.22
C ARG E 99 30.00 9.66 15.46
N GLU E 100 28.96 10.06 14.72
CA GLU E 100 28.40 11.38 14.87
C GLU E 100 27.70 11.48 16.20
N THR E 101 27.65 12.70 16.75
CA THR E 101 26.99 12.95 18.02
C THR E 101 26.04 14.12 17.80
N PRO E 102 25.01 13.89 17.00
CA PRO E 102 24.12 14.98 16.57
C PRO E 102 23.38 15.72 17.71
N GLY E 103 23.21 15.09 18.87
CA GLY E 103 22.49 15.71 19.95
C GLY E 103 23.27 16.89 20.51
N LEU E 104 24.60 16.78 20.51
CA LEU E 104 25.48 17.88 20.95
C LEU E 104 25.28 19.08 20.00
N LEU E 105 25.13 18.78 18.71
CA LEU E 105 24.94 19.83 17.71
C LEU E 105 23.56 20.45 17.85
N PHE E 106 22.57 19.61 18.13
CA PHE E 106 21.21 20.09 18.28
C PHE E 106 21.16 21.07 19.44
N VAL E 107 21.74 20.68 20.57
CA VAL E 107 21.69 21.52 21.77
C VAL E 107 22.40 22.87 21.52
N MET E 108 23.60 22.84 20.92
CA MET E 108 24.37 24.07 20.72
C MET E 108 23.59 25.03 19.82
N MET E 109 23.01 24.50 18.76
CA MET E 109 22.17 25.30 17.87
C MET E 109 20.94 25.85 18.60
N GLN E 110 20.25 24.98 19.32
CA GLN E 110 19.02 25.40 19.97
C GLN E 110 19.29 26.54 20.95
N GLU E 111 20.32 26.40 21.77
CA GLU E 111 20.64 27.44 22.74
C GLU E 111 21.13 28.71 22.07
N ALA E 112 22.04 28.57 21.10
CA ALA E 112 22.56 29.73 20.40
C ALA E 112 21.48 30.57 19.73
N LEU E 113 20.46 29.90 19.19
CA LEU E 113 19.37 30.59 18.50
C LEU E 113 18.51 31.40 19.45
N LYS E 114 18.57 31.08 20.75
CA LYS E 114 17.81 31.86 21.74
C LYS E 114 18.46 33.21 21.94
N ILE E 115 19.74 33.30 21.63
CA ILE E 115 20.45 34.54 21.78
C ILE E 115 20.34 35.37 20.51
N THR E 116 20.62 34.79 19.35
CA THR E 116 20.54 35.51 18.08
C THR E 116 20.21 34.55 16.94
N PRO E 117 19.40 34.98 15.97
CA PRO E 117 19.15 34.16 14.77
C PRO E 117 20.39 33.92 13.93
N PHE E 118 21.44 34.72 14.11
CA PHE E 118 22.67 34.51 13.33
C PHE E 118 23.33 33.16 13.65
N ALA E 119 22.87 32.55 14.74
CA ALA E 119 23.29 31.21 15.15
C ALA E 119 23.09 30.18 14.05
N MET E 120 22.08 30.41 13.22
CA MET E 120 21.79 29.49 12.12
C MET E 120 22.90 29.44 11.06
N LEU E 121 23.82 30.40 11.12
CA LEU E 121 24.95 30.36 10.20
C LEU E 121 26.13 29.52 10.71
N SER E 122 26.00 28.92 11.88
CA SER E 122 27.01 27.97 12.33
C SER E 122 26.84 26.67 11.56
N ARG E 123 27.94 26.13 11.06
CA ARG E 123 27.92 24.84 10.40
C ARG E 123 28.68 23.79 11.18
N SER E 124 28.74 23.92 12.51
CA SER E 124 29.55 23.02 13.33
C SER E 124 29.21 21.55 13.11
N ALA E 125 30.24 20.71 13.14
CA ALA E 125 30.11 19.27 13.26
C ALA E 125 30.64 18.83 14.64
N ALA E 126 30.45 17.56 14.96
CA ALA E 126 30.90 16.96 16.21
C ALA E 126 30.80 15.46 16.04
N GLY E 127 31.66 14.74 16.73
CA GLY E 127 31.57 13.30 16.76
C GLY E 127 32.73 12.73 17.53
N ILE E 128 32.73 11.40 17.65
CA ILE E 128 33.77 10.66 18.33
C ILE E 128 34.73 10.00 17.34
N ARG E 129 36.02 10.13 17.61
CA ARG E 129 37.05 9.32 16.91
C ARG E 129 37.82 8.54 17.96
N GLY E 130 37.91 7.22 17.77
CA GLY E 130 38.56 6.35 18.76
C GLY E 130 37.82 6.56 20.06
N SER E 131 38.54 7.03 21.08
CA SER E 131 37.86 7.50 22.29
C SER E 131 37.98 9.02 22.56
N THR E 132 38.08 9.80 21.50
CA THR E 132 38.16 11.26 21.62
C THR E 132 36.85 11.86 21.13
N LEU E 133 36.25 12.74 21.93
CA LEU E 133 35.10 13.53 21.50
C LEU E 133 35.56 14.84 20.84
N ILE E 134 35.19 15.07 19.58
CA ILE E 134 35.56 16.30 18.88
C ILE E 134 34.32 17.20 18.65
N ILE E 135 34.35 18.44 19.14
CA ILE E 135 33.25 19.40 18.99
C ILE E 135 33.71 20.71 18.33
N ASN E 136 33.14 21.02 17.16
CA ASN E 136 33.38 22.31 16.50
C ASN E 136 32.61 23.37 17.25
N MET E 137 33.29 24.48 17.55
CA MET E 137 32.67 25.64 18.19
C MET E 137 33.04 26.90 17.40
N PRO E 138 32.18 27.93 17.50
CA PRO E 138 32.39 29.16 16.73
C PRO E 138 33.62 29.93 17.19
N GLY E 139 34.18 30.69 16.26
CA GLY E 139 35.39 31.44 16.47
C GLY E 139 35.40 32.66 17.40
N ASN E 140 34.26 33.23 17.78
CA ASN E 140 34.30 34.41 18.66
C ASN E 140 34.33 34.08 20.16
N PRO E 141 35.13 34.84 20.93
CA PRO E 141 35.45 34.52 22.36
C PRO E 141 34.29 34.14 23.27
N ASN E 142 33.09 34.72 23.10
CA ASN E 142 31.97 34.35 23.96
C ASN E 142 31.31 33.02 23.62
N ALA E 143 31.58 32.52 22.42
CA ALA E 143 30.90 31.34 21.91
C ALA E 143 31.18 30.08 22.73
N VAL E 144 32.44 29.85 23.06
CA VAL E 144 32.80 28.68 23.85
C VAL E 144 32.11 28.69 25.21
N ALA E 145 31.93 29.88 25.79
CA ALA E 145 31.29 29.97 27.09
C ALA E 145 29.84 29.58 26.94
N GLU E 146 29.21 30.09 25.90
CA GLU E 146 27.81 29.83 25.62
C GLU E 146 27.60 28.34 25.27
N CYS E 147 28.41 27.81 24.36
CA CYS E 147 28.28 26.40 23.96
C CYS E 147 28.53 25.46 25.13
N MET E 148 29.56 25.77 25.90
CA MET E 148 29.89 24.94 27.05
C MET E 148 28.79 24.99 28.08
N GLU E 149 28.17 26.16 28.24
CA GLU E 149 27.02 26.22 29.15
C GLU E 149 25.85 25.31 28.66
N ALA E 150 25.63 25.26 27.35
CA ALA E 150 24.54 24.49 26.76
C ALA E 150 24.82 22.99 26.92
N LEU E 151 26.08 22.59 26.73
CA LEU E 151 26.45 21.17 26.75
C LEU E 151 26.70 20.63 28.16
N LEU E 152 27.10 21.51 29.07
CA LEU E 152 27.69 21.15 30.36
C LEU E 152 26.86 20.20 31.19
N PRO E 153 25.54 20.35 31.21
CA PRO E 153 24.72 19.44 32.02
C PRO E 153 25.00 17.96 31.69
N ALA E 154 25.45 17.65 30.48
CA ALA E 154 25.51 16.25 30.04
C ALA E 154 26.89 15.80 29.60
N LEU E 155 27.79 16.77 29.45
CA LEU E 155 29.11 16.52 28.88
C LEU E 155 29.98 15.62 29.76
N LYS E 156 29.79 15.72 31.08
CA LYS E 156 30.43 14.85 32.05
C LYS E 156 30.10 13.40 31.74
N HIS E 157 28.80 13.09 31.68
CA HIS E 157 28.37 11.75 31.35
C HIS E 157 28.86 11.31 29.95
N ALA E 158 28.88 12.23 28.99
CA ALA E 158 29.42 11.94 27.67
C ALA E 158 30.85 11.42 27.77
N LEU E 159 31.68 12.08 28.57
CA LEU E 159 33.10 11.72 28.62
C LEU E 159 33.32 10.40 29.35
N LYS E 160 32.51 10.17 30.39
CA LYS E 160 32.48 8.91 31.10
C LYS E 160 32.10 7.74 30.19
N GLN E 161 31.02 7.92 29.44
CA GLN E 161 30.53 6.88 28.53
C GLN E 161 31.59 6.49 27.50
N ILE E 162 32.34 7.45 27.00
CA ILE E 162 33.37 7.16 26.00
C ILE E 162 34.52 6.29 26.60
N LYS E 163 34.54 6.25 27.94
CA LYS E 163 35.47 5.45 28.78
C LYS E 163 36.74 6.25 29.13
N GLY E 164 37.85 5.92 28.69
N GLU F 5 -2.45 -4.23 9.43
CA GLU F 5 -2.34 -3.44 8.17
C GLU F 5 -0.93 -2.80 7.95
N TYR F 6 -0.35 -2.17 8.97
CA TYR F 6 1.07 -1.81 8.91
C TYR F 6 1.85 -2.85 9.69
N LYS F 7 2.86 -3.41 9.05
CA LYS F 7 3.67 -4.43 9.70
C LYS F 7 4.85 -3.76 10.39
N VAL F 8 4.83 -3.80 11.72
CA VAL F 8 5.92 -3.27 12.52
C VAL F 8 6.81 -4.40 13.02
N ALA F 9 8.12 -4.19 12.99
CA ALA F 9 9.08 -5.10 13.61
C ALA F 9 10.02 -4.33 14.57
N ILE F 10 10.38 -4.96 15.69
CA ILE F 10 11.18 -4.29 16.71
C ILE F 10 12.46 -5.05 17.02
N LEU F 11 13.59 -4.40 16.77
CA LEU F 11 14.89 -5.01 16.93
C LEU F 11 15.53 -4.51 18.23
N THR F 12 15.90 -5.44 19.10
CA THR F 12 16.56 -5.11 20.34
C THR F 12 18.03 -5.28 20.11
N VAL F 13 18.81 -4.23 20.39
CA VAL F 13 20.24 -4.36 20.20
C VAL F 13 20.89 -4.34 21.58
N SER F 14 21.50 -5.47 21.95
CA SER F 14 22.09 -5.60 23.27
C SER F 14 22.95 -6.85 23.42
N ASP F 15 24.25 -6.65 23.68
CA ASP F 15 25.19 -7.75 23.90
C ASP F 15 24.67 -8.66 25.00
N THR F 16 24.32 -8.04 26.13
CA THR F 16 23.72 -8.70 27.30
C THR F 16 22.54 -9.62 26.98
N VAL F 17 21.54 -9.07 26.31
CA VAL F 17 20.34 -9.83 26.00
C VAL F 17 20.64 -10.92 24.98
N SER F 18 21.46 -10.60 23.99
CA SER F 18 21.77 -11.57 22.93
C SER F 18 22.54 -12.77 23.50
N ALA F 19 23.38 -12.52 24.49
CA ALA F 19 24.18 -13.60 25.09
C ALA F 19 23.37 -14.47 26.06
N GLY F 20 22.12 -14.07 26.33
CA GLY F 20 21.27 -14.76 27.28
C GLY F 20 21.58 -14.35 28.71
N ALA F 21 22.48 -13.38 28.89
CA ALA F 21 22.90 -12.94 30.22
C ALA F 21 21.87 -12.07 30.92
N GLY F 22 20.83 -11.66 30.21
CA GLY F 22 19.80 -10.83 30.81
C GLY F 22 18.54 -10.76 29.98
N PRO F 23 17.46 -10.29 30.57
CA PRO F 23 16.17 -10.21 29.90
C PRO F 23 16.04 -8.94 29.09
N ASP F 24 15.12 -8.98 28.14
CA ASP F 24 14.79 -7.80 27.37
C ASP F 24 13.68 -7.09 28.09
N ARG F 25 13.99 -5.92 28.63
CA ARG F 25 13.00 -5.17 29.38
C ARG F 25 12.36 -4.12 28.48
N SER F 26 13.02 -3.83 27.36
CA SER F 26 12.56 -2.75 26.46
C SER F 26 11.70 -3.25 25.31
N GLY F 27 12.11 -4.38 24.72
CA GLY F 27 11.33 -5.04 23.70
C GLY F 27 9.82 -5.04 24.00
N PRO F 28 9.41 -5.70 25.11
CA PRO F 28 7.98 -5.85 25.43
C PRO F 28 7.25 -4.53 25.57
N ARG F 29 7.93 -3.55 26.16
CA ARG F 29 7.40 -2.21 26.33
C ARG F 29 7.13 -1.61 24.98
N ALA F 30 8.11 -1.71 24.08
CA ALA F 30 7.94 -1.20 22.73
C ALA F 30 6.73 -1.86 22.06
N VAL F 31 6.67 -3.21 22.12
CA VAL F 31 5.60 -3.94 21.48
C VAL F 31 4.30 -3.39 21.98
N SER F 32 4.23 -3.24 23.28
CA SER F 32 2.99 -2.79 23.87
C SER F 32 2.58 -1.32 23.55
N VAL F 33 3.56 -0.42 23.45
CA VAL F 33 3.34 0.96 22.98
C VAL F 33 2.83 1.01 21.52
N VAL F 34 3.45 0.24 20.62
CA VAL F 34 3.00 0.22 19.23
C VAL F 34 1.57 -0.26 19.22
N ASP F 35 1.38 -1.37 19.91
CA ASP F 35 0.11 -2.06 19.99
C ASP F 35 -1.01 -1.15 20.43
N SER F 36 -0.77 -0.39 21.49
CA SER F 36 -1.78 0.52 21.98
C SER F 36 -1.80 1.87 21.25
N SER F 37 -0.98 2.01 20.20
CA SER F 37 -0.98 3.20 19.34
C SER F 37 -1.62 2.87 17.99
N SER F 38 -2.02 1.62 17.85
CA SER F 38 -2.49 1.05 16.59
C SER F 38 -3.49 1.91 15.82
N GLU F 39 -4.53 2.35 16.52
CA GLU F 39 -5.58 3.18 15.91
C GLU F 39 -4.94 4.46 15.37
N LYS F 40 -4.18 5.14 16.23
CA LYS F 40 -3.52 6.39 15.89
C LYS F 40 -2.49 6.24 14.76
N LEU F 41 -1.94 5.03 14.63
CA LEU F 41 -1.02 4.70 13.53
C LEU F 41 -1.71 4.22 12.25
N GLY F 42 -3.04 4.23 12.24
CA GLY F 42 -3.83 3.75 11.11
C GLY F 42 -3.90 2.24 10.98
N GLY F 43 -3.81 1.53 12.11
CA GLY F 43 -3.82 0.08 12.12
C GLY F 43 -2.42 -0.47 11.93
N ALA F 44 -1.74 -0.76 13.03
CA ALA F 44 -0.38 -1.28 12.99
C ALA F 44 -0.21 -2.36 14.04
N LYS F 45 0.62 -3.33 13.73
CA LYS F 45 0.78 -4.48 14.62
C LYS F 45 2.25 -4.90 14.59
N VAL F 46 2.82 -5.17 15.77
CA VAL F 46 4.14 -5.76 15.84
C VAL F 46 4.00 -7.22 15.50
N VAL F 47 4.77 -7.60 14.50
CA VAL F 47 4.61 -8.83 13.77
C VAL F 47 5.89 -9.69 13.94
N ALA F 48 6.95 -9.09 14.44
CA ALA F 48 8.23 -9.77 14.59
C ALA F 48 9.13 -9.00 15.54
N THR F 49 9.90 -9.73 16.36
CA THR F 49 10.99 -9.11 17.11
C THR F 49 12.23 -9.90 16.90
N ALA F 50 13.37 -9.31 17.19
CA ALA F 50 14.65 -10.02 17.12
C ALA F 50 15.58 -9.30 18.04
N VAL F 51 16.58 -10.04 18.53
CA VAL F 51 17.60 -9.51 19.39
C VAL F 51 18.91 -9.78 18.70
N VAL F 52 19.76 -8.75 18.64
CA VAL F 52 21.12 -8.89 18.12
C VAL F 52 22.12 -8.30 19.12
N PRO F 53 23.37 -8.75 19.06
CA PRO F 53 24.43 -8.14 19.87
C PRO F 53 24.83 -6.75 19.31
N ASP F 54 25.71 -6.04 20.01
CA ASP F 54 26.19 -4.73 19.55
C ASP F 54 27.27 -4.91 18.47
N GLU F 55 26.87 -5.43 17.32
CA GLU F 55 27.80 -5.63 16.21
C GLU F 55 27.16 -5.14 14.91
N VAL F 56 27.86 -4.32 14.15
CA VAL F 56 27.23 -3.66 12.99
C VAL F 56 26.72 -4.65 11.95
N GLU F 57 27.50 -5.71 11.70
CA GLU F 57 27.10 -6.73 10.71
C GLU F 57 25.78 -7.40 11.07
N ARG F 58 25.66 -7.79 12.33
CA ARG F 58 24.43 -8.39 12.84
C ARG F 58 23.27 -7.41 12.70
N ILE F 59 23.52 -6.13 12.99
CA ILE F 59 22.45 -5.13 12.88
C ILE F 59 22.03 -4.90 11.43
N LYS F 60 22.99 -4.62 10.57
CA LYS F 60 22.73 -4.46 9.12
C LYS F 60 21.96 -5.64 8.52
N ASP F 61 22.39 -6.87 8.82
CA ASP F 61 21.76 -8.05 8.22
C ASP F 61 20.28 -8.09 8.48
N ILE F 62 19.87 -7.82 9.72
CA ILE F 62 18.46 -7.86 10.08
C ILE F 62 17.69 -6.76 9.38
N LEU F 63 18.23 -5.54 9.41
CA LEU F 63 17.58 -4.39 8.78
C LEU F 63 17.39 -4.65 7.28
N GLN F 64 18.43 -5.23 6.66
CA GLN F 64 18.33 -5.60 5.26
C GLN F 64 17.24 -6.63 5.05
N LYS F 65 17.28 -7.69 5.84
CA LYS F 65 16.34 -8.78 5.73
C LYS F 65 14.91 -8.28 5.93
N TRP F 66 14.68 -7.54 7.01
CA TRP F 66 13.34 -7.09 7.32
C TRP F 66 12.80 -6.10 6.28
N SER F 67 13.70 -5.33 5.67
CA SER F 67 13.29 -4.35 4.66
C SER F 67 13.15 -5.01 3.28
N ASP F 68 14.16 -5.77 2.88
CA ASP F 68 14.23 -6.27 1.51
C ASP F 68 13.39 -7.53 1.32
N VAL F 69 13.51 -8.48 2.25
CA VAL F 69 12.82 -9.77 2.15
C VAL F 69 11.43 -9.78 2.80
N ASP F 70 11.32 -9.39 4.06
CA ASP F 70 10.04 -9.49 4.79
C ASP F 70 9.10 -8.32 4.52
N GLU F 71 9.67 -7.25 3.94
CA GLU F 71 8.92 -6.05 3.62
C GLU F 71 8.10 -5.49 4.80
N MET F 72 8.78 -5.23 5.92
CA MET F 72 8.16 -4.54 7.06
C MET F 72 7.89 -3.11 6.66
N ASP F 73 6.87 -2.51 7.26
CA ASP F 73 6.59 -1.12 6.98
C ASP F 73 7.36 -0.20 7.91
N LEU F 74 7.59 -0.65 9.14
CA LEU F 74 8.20 0.16 10.20
C LEU F 74 9.06 -0.77 11.05
N ILE F 75 10.34 -0.44 11.16
CA ILE F 75 11.27 -1.09 12.05
C ILE F 75 11.72 -0.09 13.11
N LEU F 76 11.55 -0.48 14.37
CA LEU F 76 12.09 0.30 15.48
C LEU F 76 13.28 -0.46 16.01
N THR F 77 14.43 0.19 16.16
CA THR F 77 15.53 -0.44 16.92
C THR F 77 15.60 0.17 18.31
N LEU F 78 16.03 -0.66 19.27
CA LEU F 78 16.17 -0.25 20.67
C LEU F 78 17.58 -0.51 21.13
N GLY F 79 18.26 0.54 21.55
CA GLY F 79 19.59 0.42 22.14
C GLY F 79 20.71 0.69 21.16
N GLY F 80 21.91 0.81 21.72
CA GLY F 80 23.12 0.96 20.94
C GLY F 80 23.27 2.37 20.35
N THR F 81 22.64 3.35 20.99
CA THR F 81 22.63 4.71 20.47
C THR F 81 23.43 5.72 21.29
N GLY F 82 24.08 5.30 22.37
CA GLY F 82 24.84 6.22 23.21
C GLY F 82 26.31 6.41 22.83
N PHE F 83 27.11 6.83 23.80
CA PHE F 83 28.51 7.26 23.59
C PHE F 83 29.51 6.16 23.93
N THR F 84 29.03 5.13 24.61
CA THR F 84 29.76 3.87 24.83
C THR F 84 30.36 3.38 23.51
N PRO F 85 31.58 2.85 23.56
CA PRO F 85 32.23 2.35 22.34
C PRO F 85 31.50 1.19 21.67
N ARG F 86 30.71 0.44 22.42
CA ARG F 86 29.93 -0.63 21.79
C ARG F 86 28.67 -0.12 21.09
N ASP F 87 28.16 1.05 21.47
CA ASP F 87 26.98 1.61 20.82
C ASP F 87 27.22 1.92 19.35
N VAL F 88 26.80 1.01 18.46
CA VAL F 88 27.06 1.11 17.02
C VAL F 88 25.78 1.07 16.16
N THR F 89 24.62 1.12 16.79
CA THR F 89 23.38 1.04 16.04
C THR F 89 23.22 2.10 14.94
N PRO F 90 23.51 3.39 15.23
CA PRO F 90 23.34 4.43 14.20
C PRO F 90 24.30 4.18 13.02
N GLU F 91 25.54 3.76 13.28
CA GLU F 91 26.46 3.53 12.19
C GLU F 91 25.91 2.38 11.34
N ALA F 92 25.42 1.32 11.97
CA ALA F 92 24.81 0.24 11.20
C ALA F 92 23.63 0.75 10.37
N THR F 93 22.78 1.54 11.00
CA THR F 93 21.56 2.03 10.38
C THR F 93 21.83 2.95 9.20
N LYS F 94 22.85 3.82 9.35
CA LYS F 94 23.27 4.74 8.29
C LYS F 94 23.72 4.00 7.04
N LYS F 95 24.39 2.85 7.20
CA LYS F 95 24.81 2.05 6.04
C LYS F 95 23.64 1.51 5.24
N VAL F 96 22.50 1.26 5.85
CA VAL F 96 21.44 0.57 5.14
C VAL F 96 20.30 1.48 4.69
N ILE F 97 20.15 2.66 5.30
CA ILE F 97 19.09 3.54 4.82
C ILE F 97 19.44 4.25 3.51
N GLU F 98 18.39 4.56 2.75
CA GLU F 98 18.56 5.20 1.45
C GLU F 98 18.19 6.68 1.48
N ARG F 99 17.18 7.02 2.28
CA ARG F 99 16.64 8.36 2.30
C ARG F 99 16.51 8.78 3.76
N GLU F 100 17.30 9.75 4.20
CA GLU F 100 17.21 10.21 5.59
C GLU F 100 15.88 10.87 5.87
N THR F 101 15.44 10.77 7.12
CA THR F 101 14.23 11.39 7.58
C THR F 101 14.56 12.26 8.80
N PRO F 102 15.30 13.35 8.60
CA PRO F 102 15.84 14.12 9.72
C PRO F 102 14.79 14.78 10.59
N GLY F 103 13.58 15.01 10.08
CA GLY F 103 12.52 15.58 10.88
C GLY F 103 12.09 14.70 12.03
N LEU F 104 12.09 13.38 11.81
CA LEU F 104 11.79 12.41 12.87
C LEU F 104 12.83 12.52 13.95
N LEU F 105 14.10 12.69 13.56
CA LEU F 105 15.19 12.80 14.53
C LEU F 105 15.07 14.12 15.29
N PHE F 106 14.68 15.19 14.59
CA PHE F 106 14.60 16.51 15.19
C PHE F 106 13.55 16.47 16.27
N VAL F 107 12.37 15.95 15.93
CA VAL F 107 11.27 15.83 16.89
C VAL F 107 11.63 15.00 18.14
N MET F 108 12.18 13.79 17.93
CA MET F 108 12.57 12.94 19.07
C MET F 108 13.54 13.64 19.99
N MET F 109 14.55 14.31 19.43
CA MET F 109 15.52 15.06 20.22
C MET F 109 14.86 16.22 20.95
N GLN F 110 14.07 17.02 20.22
CA GLN F 110 13.42 18.16 20.81
C GLN F 110 12.55 17.77 22.01
N GLU F 111 11.74 16.72 21.84
CA GLU F 111 10.87 16.29 22.93
C GLU F 111 11.67 15.70 24.06
N ALA F 112 12.63 14.84 23.75
CA ALA F 112 13.42 14.19 24.82
C ALA F 112 14.15 15.23 25.71
N LEU F 113 14.69 16.28 25.08
CA LEU F 113 15.39 17.33 25.79
C LEU F 113 14.52 18.12 26.76
N LYS F 114 13.20 18.06 26.60
CA LYS F 114 12.27 18.70 27.52
C LYS F 114 12.24 17.93 28.82
N ILE F 115 12.58 16.66 28.76
CA ILE F 115 12.51 15.82 29.92
C ILE F 115 13.84 15.87 30.66
N THR F 116 14.94 15.66 29.94
CA THR F 116 16.27 15.69 30.54
C THR F 116 17.30 16.13 29.50
N PRO F 117 18.30 16.93 29.90
CA PRO F 117 19.40 17.27 29.00
C PRO F 117 20.25 16.06 28.58
N PHE F 118 20.13 14.94 29.27
CA PHE F 118 20.89 13.75 28.88
C PHE F 118 20.46 13.22 27.54
N ALA F 119 19.34 13.74 27.06
CA ALA F 119 18.81 13.40 25.75
C ALA F 119 19.78 13.75 24.64
N MET F 120 20.65 14.72 24.88
CA MET F 120 21.64 15.10 23.88
C MET F 120 22.67 14.02 23.64
N LEU F 121 22.70 13.01 24.50
CA LEU F 121 23.62 11.88 24.27
C LEU F 121 23.06 10.78 23.36
N SER F 122 21.84 10.94 22.88
CA SER F 122 21.30 10.03 21.90
C SER F 122 21.91 10.37 20.54
N ARG F 123 22.37 9.35 19.83
CA ARG F 123 22.95 9.50 18.51
C ARG F 123 22.08 8.81 17.46
N SER F 124 20.77 8.70 17.73
CA SER F 124 19.86 7.97 16.84
C SER F 124 19.92 8.43 15.39
N ALA F 125 19.81 7.47 14.49
CA ALA F 125 19.59 7.74 13.07
C ALA F 125 18.21 7.23 12.71
N ALA F 126 17.74 7.60 11.51
CA ALA F 126 16.45 7.20 11.01
C ALA F 126 16.46 7.42 9.50
N GLY F 127 15.68 6.64 8.78
CA GLY F 127 15.58 6.81 7.34
C GLY F 127 14.72 5.72 6.74
N ILE F 128 14.50 5.83 5.43
CA ILE F 128 13.72 4.87 4.66
C ILE F 128 14.63 3.97 3.84
N ARG F 129 14.35 2.68 3.84
CA ARG F 129 15.00 1.76 2.91
C ARG F 129 13.89 1.05 2.12
N GLY F 130 13.96 1.10 0.78
CA GLY F 130 12.89 0.57 -0.05
C GLY F 130 11.62 1.26 0.37
N SER F 131 10.67 0.48 0.88
CA SER F 131 9.48 1.08 1.50
C SER F 131 9.37 0.77 3.00
N THR F 132 10.51 0.60 3.66
CA THR F 132 10.55 0.44 5.10
C THR F 132 11.11 1.68 5.80
N LEU F 133 10.36 2.21 6.76
CA LEU F 133 10.88 3.27 7.63
C LEU F 133 11.61 2.66 8.83
N ILE F 134 12.87 3.02 9.01
CA ILE F 134 13.68 2.55 10.13
C ILE F 134 14.00 3.71 11.09
N ILE F 135 13.62 3.58 12.37
CA ILE F 135 13.88 4.60 13.41
C ILE F 135 14.68 4.04 14.59
N ASN F 136 15.85 4.58 14.86
CA ASN F 136 16.62 4.20 16.04
C ASN F 136 16.00 4.83 17.27
N MET F 137 15.82 4.04 18.33
CA MET F 137 15.30 4.57 19.57
C MET F 137 16.17 4.09 20.74
N PRO F 138 16.17 4.83 21.85
CA PRO F 138 17.03 4.52 23.01
C PRO F 138 16.67 3.21 23.69
N GLY F 139 17.66 2.60 24.32
CA GLY F 139 17.49 1.31 24.92
C GLY F 139 16.71 1.19 26.22
N ASN F 140 16.37 2.28 26.91
CA ASN F 140 15.64 2.11 28.15
C ASN F 140 14.11 2.06 27.96
N PRO F 141 13.42 1.19 28.71
CA PRO F 141 11.98 0.89 28.53
C PRO F 141 11.01 2.07 28.32
N ASN F 142 11.23 3.21 28.98
CA ASN F 142 10.33 4.37 28.82
C ASN F 142 10.52 5.14 27.53
N ALA F 143 11.69 4.95 26.90
CA ALA F 143 12.08 5.74 25.75
C ALA F 143 11.14 5.57 24.56
N VAL F 144 10.72 4.33 24.27
CA VAL F 144 9.88 4.08 23.14
C VAL F 144 8.53 4.76 23.33
N ALA F 145 8.06 4.81 24.57
CA ALA F 145 6.76 5.42 24.83
C ALA F 145 6.90 6.92 24.61
N GLU F 146 8.01 7.48 25.07
CA GLU F 146 8.25 8.90 24.90
C GLU F 146 8.49 9.25 23.44
N CYS F 147 9.34 8.51 22.74
CA CYS F 147 9.60 8.78 21.32
C CYS F 147 8.37 8.58 20.45
N MET F 148 7.61 7.54 20.76
CA MET F 148 6.42 7.29 20.00
C MET F 148 5.37 8.36 20.25
N GLU F 149 5.34 8.91 21.45
CA GLU F 149 4.42 10.00 21.72
C GLU F 149 4.81 11.25 20.92
N ALA F 150 6.12 11.48 20.78
CA ALA F 150 6.64 12.63 20.03
C ALA F 150 6.32 12.50 18.55
N LEU F 151 6.44 11.29 18.01
CA LEU F 151 6.30 11.05 16.56
C LEU F 151 4.87 10.83 16.12
N LEU F 152 4.05 10.35 17.04
CA LEU F 152 2.72 9.81 16.75
C LEU F 152 1.79 10.73 15.96
N PRO F 153 1.76 12.02 16.27
CA PRO F 153 0.88 12.92 15.51
C PRO F 153 1.06 12.78 13.98
N ALA F 154 2.22 12.37 13.50
CA ALA F 154 2.54 12.43 12.06
C ALA F 154 2.94 11.11 11.45
N LEU F 155 3.22 10.12 12.30
CA LEU F 155 3.77 8.85 11.86
C LEU F 155 2.80 8.06 10.97
N LYS F 156 1.51 8.24 11.23
CA LYS F 156 0.46 7.64 10.41
C LYS F 156 0.64 8.11 8.97
N HIS F 157 0.67 9.44 8.80
CA HIS F 157 0.86 10.01 7.47
C HIS F 157 2.21 9.60 6.86
N ALA F 158 3.26 9.51 7.69
CA ALA F 158 4.56 8.99 7.21
C ALA F 158 4.39 7.62 6.55
N LEU F 159 3.70 6.70 7.22
CA LEU F 159 3.61 5.33 6.74
C LEU F 159 2.76 5.24 5.46
N LYS F 160 1.71 6.06 5.41
CA LYS F 160 0.84 6.16 4.24
C LYS F 160 1.61 6.66 3.02
N GLN F 161 2.40 7.73 3.22
CA GLN F 161 3.19 8.33 2.16
C GLN F 161 4.20 7.34 1.57
N ILE F 162 4.79 6.51 2.41
CA ILE F 162 5.78 5.54 1.93
C ILE F 162 5.15 4.44 1.04
N LYS F 163 3.82 4.34 1.15
CA LYS F 163 2.92 3.54 0.29
C LYS F 163 2.52 2.24 0.97
N GLY F 164 2.62 1.19 0.32
N GLU G 5 1.16 -3.82 38.04
CA GLU G 5 0.77 -4.50 39.31
C GLU G 5 1.05 -6.03 39.34
N TYR G 6 0.65 -6.78 38.30
CA TYR G 6 1.16 -8.16 38.12
C TYR G 6 2.28 -8.16 37.11
N LYS G 7 3.42 -8.68 37.52
CA LYS G 7 4.59 -8.73 36.64
C LYS G 7 4.55 -9.99 35.80
N VAL G 8 4.33 -9.83 34.50
CA VAL G 8 4.36 -10.95 33.58
C VAL G 8 5.71 -10.96 32.81
N ALA G 9 6.22 -12.15 32.58
CA ALA G 9 7.37 -12.34 31.71
C ALA G 9 7.07 -13.47 30.69
N ILE G 10 7.59 -13.31 29.49
CA ILE G 10 7.29 -14.26 28.41
C ILE G 10 8.57 -14.87 27.79
N LEU G 11 8.68 -16.18 27.90
CA LEU G 11 9.86 -16.89 27.45
C LEU G 11 9.57 -17.58 26.11
N THR G 12 10.35 -17.25 25.08
CA THR G 12 10.21 -17.89 23.81
C THR G 12 11.22 -19.00 23.77
N VAL G 13 10.75 -20.20 23.47
CA VAL G 13 11.65 -21.34 23.37
C VAL G 13 11.71 -21.74 21.90
N SER G 14 12.93 -21.65 21.32
CA SER G 14 13.12 -21.88 19.88
C SER G 14 14.59 -21.86 19.47
N ASP G 15 15.08 -22.99 18.97
CA ASP G 15 16.46 -23.10 18.49
C ASP G 15 16.73 -22.05 17.41
N THR G 16 15.80 -21.97 16.46
CA THR G 16 15.83 -21.03 15.34
C THR G 16 15.99 -19.56 15.77
N VAL G 17 15.10 -19.11 16.65
CA VAL G 17 15.12 -17.74 17.12
C VAL G 17 16.34 -17.49 17.98
N SER G 18 16.70 -18.46 18.82
CA SER G 18 17.84 -18.26 19.69
C SER G 18 19.15 -18.12 18.88
N ALA G 19 19.25 -18.86 17.79
CA ALA G 19 20.46 -18.83 16.95
C ALA G 19 20.56 -17.58 16.07
N GLY G 20 19.49 -16.78 16.04
CA GLY G 20 19.44 -15.61 15.17
C GLY G 20 19.03 -15.96 13.75
N ALA G 21 18.69 -17.22 13.53
CA ALA G 21 18.30 -17.68 12.20
C ALA G 21 16.89 -17.26 11.82
N GLY G 22 16.12 -16.70 12.74
CA GLY G 22 14.77 -16.32 12.40
C GLY G 22 14.19 -15.39 13.44
N PRO G 23 13.09 -14.72 13.10
CA PRO G 23 12.44 -13.78 14.01
C PRO G 23 11.49 -14.46 14.98
N ASP G 24 11.18 -13.77 16.06
CA ASP G 24 10.19 -14.25 16.97
C ASP G 24 8.88 -13.67 16.52
N ARG G 25 7.98 -14.54 16.08
CA ARG G 25 6.68 -14.08 15.61
C ARG G 25 5.64 -14.26 16.70
N SER G 26 5.96 -15.07 17.70
CA SER G 26 4.98 -15.36 18.75
C SER G 26 5.12 -14.48 19.97
N GLY G 27 6.37 -14.27 20.39
CA GLY G 27 6.68 -13.33 21.45
C GLY G 27 5.81 -12.06 21.42
N PRO G 28 5.93 -11.25 20.35
CA PRO G 28 5.23 -9.96 20.28
C PRO G 28 3.71 -10.10 20.38
N ARG G 29 3.16 -11.13 19.74
CA ARG G 29 1.74 -11.48 19.87
C ARG G 29 1.36 -11.71 21.32
N ALA G 30 2.17 -12.51 22.02
CA ALA G 30 1.87 -12.83 23.41
C ALA G 30 1.89 -11.56 24.23
N VAL G 31 2.96 -10.75 24.08
CA VAL G 31 3.09 -9.50 24.82
C VAL G 31 1.82 -8.69 24.59
N SER G 32 1.41 -8.63 23.34
CA SER G 32 0.26 -7.81 23.01
C SER G 32 -1.08 -8.34 23.55
N VAL G 33 -1.27 -9.66 23.55
CA VAL G 33 -2.43 -10.29 24.23
C VAL G 33 -2.49 -10.04 25.75
N VAL G 34 -1.36 -10.21 26.45
CA VAL G 34 -1.35 -9.93 27.88
C VAL G 34 -1.73 -8.49 28.06
N ASP G 35 -1.01 -7.63 27.36
CA ASP G 35 -1.19 -6.20 27.44
C ASP G 35 -2.62 -5.75 27.29
N SER G 36 -3.31 -6.31 26.30
CA SER G 36 -4.69 -5.93 26.07
C SER G 36 -5.68 -6.75 26.93
N SER G 37 -5.15 -7.59 27.82
CA SER G 37 -5.98 -8.34 28.77
C SER G 37 -5.81 -7.76 30.17
N SER G 38 -4.96 -6.74 30.25
CA SER G 38 -4.52 -6.14 31.52
C SER G 38 -5.62 -5.87 32.54
N GLU G 39 -6.69 -5.21 32.10
CA GLU G 39 -7.82 -4.89 32.94
C GLU G 39 -8.41 -6.20 33.49
N LYS G 40 -8.74 -7.12 32.58
CA LYS G 40 -9.34 -8.41 32.93
C LYS G 40 -8.44 -9.25 33.84
N LEU G 41 -7.13 -9.02 33.79
CA LEU G 41 -6.18 -9.71 34.63
C LEU G 41 -5.89 -8.97 35.93
N GLY G 42 -6.65 -7.91 36.18
CA GLY G 42 -6.46 -7.09 37.39
C GLY G 42 -5.23 -6.19 37.37
N GLY G 43 -4.85 -5.73 36.17
CA GLY G 43 -3.67 -4.91 36.01
C GLY G 43 -2.41 -5.75 35.90
N ALA G 44 -2.02 -6.09 34.67
CA ALA G 44 -0.82 -6.88 34.44
C ALA G 44 -0.04 -6.32 33.27
N LYS G 45 1.27 -6.47 33.33
CA LYS G 45 2.14 -5.89 32.34
C LYS G 45 3.28 -6.85 32.04
N VAL G 46 3.57 -7.04 30.76
CA VAL G 46 4.76 -7.76 30.36
C VAL G 46 5.96 -6.86 30.59
N VAL G 47 6.87 -7.37 31.41
CA VAL G 47 7.91 -6.59 32.00
C VAL G 47 9.27 -7.11 31.53
N ALA G 48 9.27 -8.29 30.91
CA ALA G 48 10.49 -8.97 30.46
C ALA G 48 10.20 -10.05 29.42
N THR G 49 11.07 -10.19 28.43
CA THR G 49 10.99 -11.35 27.57
C THR G 49 12.39 -11.91 27.48
N ALA G 50 12.50 -13.16 27.04
CA ALA G 50 13.80 -13.78 26.78
C ALA G 50 13.57 -14.86 25.75
N VAL G 51 14.65 -15.20 25.04
CA VAL G 51 14.63 -16.28 24.10
C VAL G 51 15.66 -17.29 24.54
N VAL G 52 15.26 -18.56 24.52
CA VAL G 52 16.20 -19.65 24.78
C VAL G 52 16.08 -20.71 23.70
N PRO G 53 17.15 -21.49 23.49
CA PRO G 53 17.08 -22.62 22.57
C PRO G 53 16.26 -23.79 23.16
N ASP G 54 16.02 -24.83 22.37
CA ASP G 54 15.33 -26.01 22.89
C ASP G 54 16.26 -26.91 23.73
N GLU G 55 16.68 -26.41 24.89
CA GLU G 55 17.57 -27.16 25.77
C GLU G 55 17.08 -27.02 27.21
N VAL G 56 16.88 -28.13 27.90
CA VAL G 56 16.24 -28.10 29.23
C VAL G 56 16.96 -27.19 30.22
N GLU G 57 18.30 -27.24 30.24
CA GLU G 57 19.08 -26.43 31.20
C GLU G 57 18.84 -24.94 31.00
N ARG G 58 18.83 -24.51 29.73
CA ARG G 58 18.57 -23.11 29.41
C ARG G 58 17.18 -22.71 29.85
N ILE G 59 16.21 -23.61 29.67
CA ILE G 59 14.85 -23.30 30.06
C ILE G 59 14.71 -23.28 31.57
N LYS G 60 15.21 -24.30 32.24
CA LYS G 60 15.17 -24.34 33.71
C LYS G 60 15.78 -23.10 34.37
N ASP G 61 16.98 -22.71 33.89
CA ASP G 61 17.71 -21.57 34.48
C ASP G 61 16.86 -20.33 34.49
N ILE G 62 16.17 -20.06 33.37
CA ILE G 62 15.41 -18.83 33.24
C ILE G 62 14.21 -18.88 34.17
N LEU G 63 13.51 -20.02 34.15
CA LEU G 63 12.32 -20.18 34.98
C LEU G 63 12.71 -20.00 36.44
N GLN G 64 13.89 -20.53 36.78
CA GLN G 64 14.39 -20.42 38.15
C GLN G 64 14.65 -18.95 38.48
N LYS G 65 15.44 -18.31 37.63
CA LYS G 65 15.81 -16.92 37.80
C LYS G 65 14.57 -16.06 37.89
N TRP G 66 13.67 -16.18 36.94
CA TRP G 66 12.49 -15.32 36.93
C TRP G 66 11.56 -15.53 38.12
N SER G 67 11.54 -16.76 38.64
CA SER G 67 10.72 -17.08 39.81
C SER G 67 11.44 -16.70 41.12
N ASP G 68 12.68 -17.15 41.28
CA ASP G 68 13.40 -17.04 42.55
C ASP G 68 14.03 -15.65 42.76
N VAL G 69 14.68 -15.12 41.73
CA VAL G 69 15.36 -13.82 41.80
C VAL G 69 14.47 -12.63 41.44
N ASP G 70 13.86 -12.64 40.26
CA ASP G 70 13.12 -11.46 39.77
C ASP G 70 11.71 -11.39 40.31
N GLU G 71 11.25 -12.50 40.88
CA GLU G 71 9.91 -12.61 41.44
C GLU G 71 8.80 -12.14 40.48
N MET G 72 8.74 -12.75 39.30
CA MET G 72 7.63 -12.55 38.37
C MET G 72 6.38 -13.18 38.96
N ASP G 73 5.22 -12.64 38.62
CA ASP G 73 3.99 -13.23 39.09
C ASP G 73 3.47 -14.29 38.11
N LEU G 74 3.71 -14.08 36.81
CA LEU G 74 3.21 -14.96 35.78
C LEU G 74 4.29 -15.07 34.70
N ILE G 75 4.70 -16.30 34.41
CA ILE G 75 5.59 -16.60 33.30
C ILE G 75 4.82 -17.42 32.25
N LEU G 76 4.81 -16.95 31.01
CA LEU G 76 4.28 -17.75 29.92
C LEU G 76 5.45 -18.21 29.09
N THR G 77 5.51 -19.50 28.77
CA THR G 77 6.49 -19.96 27.79
C THR G 77 5.78 -20.23 26.46
N LEU G 78 6.52 -20.11 25.36
CA LEU G 78 5.96 -20.34 24.04
C LEU G 78 6.87 -21.28 23.32
N GLY G 79 6.29 -22.39 22.86
CA GLY G 79 7.02 -23.35 22.06
C GLY G 79 7.60 -24.50 22.84
N GLY G 80 8.09 -25.49 22.09
CA GLY G 80 8.77 -26.61 22.69
C GLY G 80 7.84 -27.61 23.37
N THR G 81 6.55 -27.57 22.97
CA THR G 81 5.51 -28.40 23.58
C THR G 81 4.96 -29.57 22.75
N GLY G 82 5.46 -29.77 21.53
CA GLY G 82 4.99 -30.83 20.64
C GLY G 82 5.74 -32.15 20.76
N PHE G 83 5.65 -32.95 19.69
CA PHE G 83 6.08 -34.35 19.72
C PHE G 83 7.49 -34.54 19.13
N THR G 84 7.94 -33.51 18.42
CA THR G 84 9.32 -33.35 17.98
C THR G 84 10.30 -33.69 19.09
N PRO G 85 11.39 -34.37 18.76
CA PRO G 85 12.38 -34.75 19.79
C PRO G 85 13.05 -33.56 20.47
N ARG G 86 13.09 -32.40 19.82
CA ARG G 86 13.66 -31.23 20.47
C ARG G 86 12.68 -30.56 21.45
N ASP G 87 11.39 -30.77 21.26
CA ASP G 87 10.39 -30.18 22.14
C ASP G 87 10.55 -30.69 23.59
N VAL G 88 11.23 -29.90 24.44
CA VAL G 88 11.52 -30.30 25.80
C VAL G 88 10.98 -29.32 26.87
N THR G 89 10.15 -28.37 26.45
CA THR G 89 9.71 -27.32 27.39
C THR G 89 8.98 -27.88 28.63
N PRO G 90 8.02 -28.82 28.44
CA PRO G 90 7.29 -29.37 29.57
C PRO G 90 8.25 -30.13 30.51
N GLU G 91 9.22 -30.87 29.98
CA GLU G 91 10.14 -31.59 30.87
C GLU G 91 10.92 -30.60 31.73
N ALA G 92 11.36 -29.50 31.12
CA ALA G 92 12.07 -28.47 31.85
C ALA G 92 11.14 -27.88 32.89
N THR G 93 9.92 -27.55 32.49
CA THR G 93 8.97 -26.91 33.38
C THR G 93 8.64 -27.79 34.60
N LYS G 94 8.42 -29.09 34.37
CA LYS G 94 8.08 -30.04 35.42
C LYS G 94 9.21 -30.15 36.46
N LYS G 95 10.46 -29.95 36.06
CA LYS G 95 11.56 -29.96 37.02
C LYS G 95 11.48 -28.79 37.98
N VAL G 96 10.90 -27.67 37.57
CA VAL G 96 11.02 -26.47 38.40
C VAL G 96 9.74 -26.11 39.11
N ILE G 97 8.60 -26.61 38.68
CA ILE G 97 7.40 -26.25 39.43
C ILE G 97 7.26 -27.07 40.73
N GLU G 98 6.54 -26.50 41.69
CA GLU G 98 6.38 -27.11 43.00
C GLU G 98 4.97 -27.63 43.20
N ARG G 99 4.00 -26.91 42.66
CA ARG G 99 2.60 -27.26 42.84
C ARG G 99 1.91 -27.25 41.47
N GLU G 100 1.45 -28.40 41.01
CA GLU G 100 0.80 -28.47 39.70
C GLU G 100 -0.53 -27.74 39.71
N THR G 101 -0.90 -27.21 38.54
CA THR G 101 -2.17 -26.54 38.38
C THR G 101 -2.92 -27.16 37.21
N PRO G 102 -3.34 -28.40 37.37
CA PRO G 102 -3.89 -29.18 36.25
C PRO G 102 -5.18 -28.62 35.64
N GLY G 103 -5.94 -27.82 36.40
CA GLY G 103 -7.16 -27.22 35.89
C GLY G 103 -6.88 -26.27 34.74
N LEU G 104 -5.75 -25.55 34.83
CA LEU G 104 -5.34 -24.63 33.74
C LEU G 104 -5.03 -25.44 32.48
N LEU G 105 -4.43 -26.61 32.67
CA LEU G 105 -4.10 -27.48 31.55
C LEU G 105 -5.36 -28.06 30.96
N PHE G 106 -6.29 -28.46 31.82
CA PHE G 106 -7.53 -29.06 31.37
C PHE G 106 -8.27 -28.06 30.50
N VAL G 107 -8.41 -26.82 30.97
CA VAL G 107 -9.14 -25.80 30.22
C VAL G 107 -8.49 -25.50 28.85
N MET G 108 -7.16 -25.31 28.83
CA MET G 108 -6.46 -25.02 27.58
C MET G 108 -6.69 -26.12 26.55
N MET G 109 -6.61 -27.38 27.01
CA MET G 109 -6.80 -28.52 26.13
C MET G 109 -8.23 -28.54 25.65
N GLN G 110 -9.16 -28.38 26.60
CA GLN G 110 -10.56 -28.48 26.27
C GLN G 110 -10.95 -27.44 25.20
N GLU G 111 -10.55 -26.20 25.42
CA GLU G 111 -10.85 -25.15 24.44
C GLU G 111 -10.12 -25.37 23.11
N ALA G 112 -8.83 -25.66 23.15
CA ALA G 112 -8.07 -25.86 21.90
C ALA G 112 -8.66 -26.96 21.02
N LEU G 113 -9.14 -28.03 21.64
CA LEU G 113 -9.73 -29.17 20.94
C LEU G 113 -11.02 -28.81 20.21
N LYS G 114 -11.66 -27.73 20.64
CA LYS G 114 -12.88 -27.27 19.97
C LYS G 114 -12.53 -26.68 18.63
N ILE G 115 -11.29 -26.21 18.49
CA ILE G 115 -10.87 -25.59 17.25
C ILE G 115 -10.31 -26.63 16.32
N THR G 116 -9.41 -27.50 16.81
CA THR G 116 -8.80 -28.54 16.00
C THR G 116 -8.40 -29.74 16.86
N PRO G 117 -8.55 -30.98 16.35
CA PRO G 117 -8.03 -32.15 17.05
C PRO G 117 -6.51 -32.17 17.21
N PHE G 118 -5.79 -31.37 16.45
CA PHE G 118 -4.33 -31.37 16.57
C PHE G 118 -3.90 -30.80 17.92
N ALA G 119 -4.87 -30.24 18.65
CA ALA G 119 -4.67 -29.74 20.01
C ALA G 119 -4.18 -30.84 20.95
N MET G 120 -4.53 -32.08 20.63
CA MET G 120 -4.13 -33.21 21.46
C MET G 120 -2.63 -33.47 21.39
N LEU G 121 -1.93 -32.83 20.46
CA LEU G 121 -0.49 -32.98 20.40
C LEU G 121 0.26 -31.97 21.28
N SER G 122 -0.46 -31.15 22.01
CA SER G 122 0.16 -30.25 22.97
C SER G 122 0.50 -31.04 24.21
N ARG G 123 1.71 -30.86 24.72
CA ARG G 123 2.16 -31.55 25.92
C ARG G 123 2.43 -30.55 27.04
N SER G 124 1.75 -29.39 27.00
CA SER G 124 2.04 -28.31 27.95
C SER G 124 1.94 -28.77 29.40
N ALA G 125 2.81 -28.20 30.23
CA ALA G 125 2.70 -28.33 31.67
C ALA G 125 2.42 -26.93 32.23
N ALA G 126 2.13 -26.86 33.53
CA ALA G 126 1.86 -25.60 34.22
C ALA G 126 1.93 -25.89 35.68
N GLY G 127 2.28 -24.88 36.48
CA GLY G 127 2.28 -25.03 37.92
C GLY G 127 2.87 -23.81 38.56
N ILE G 128 2.88 -23.80 39.89
CA ILE G 128 3.42 -22.69 40.68
C ILE G 128 4.81 -23.00 41.24
N ARG G 129 5.71 -22.04 41.11
CA ARG G 129 6.98 -22.13 41.85
C ARG G 129 7.08 -20.88 42.73
N GLY G 130 7.38 -21.06 44.02
CA GLY G 130 7.37 -19.97 44.99
C GLY G 130 6.02 -19.29 44.89
N SER G 131 6.05 -18.03 44.45
CA SER G 131 4.79 -17.34 44.13
C SER G 131 4.66 -16.94 42.65
N THR G 132 5.29 -17.72 41.77
CA THR G 132 5.21 -17.51 40.34
C THR G 132 4.37 -18.61 39.70
N LEU G 133 3.37 -18.21 38.91
CA LEU G 133 2.61 -19.15 38.10
C LEU G 133 3.30 -19.31 36.74
N ILE G 134 3.66 -20.55 36.38
CA ILE G 134 4.27 -20.84 35.09
C ILE G 134 3.30 -21.64 34.20
N ILE G 135 3.02 -21.15 32.99
CA ILE G 135 2.13 -21.84 32.04
C ILE G 135 2.81 -22.03 30.68
N ASN G 136 2.93 -23.30 30.25
CA ASN G 136 3.48 -23.60 28.93
C ASN G 136 2.39 -23.35 27.93
N MET G 137 2.74 -22.66 26.84
CA MET G 137 1.79 -22.39 25.77
C MET G 137 2.44 -22.74 24.43
N PRO G 138 1.62 -23.05 23.43
CA PRO G 138 2.13 -23.50 22.11
C PRO G 138 2.88 -22.41 21.36
N GLY G 139 3.79 -22.82 20.49
CA GLY G 139 4.65 -21.92 19.77
C GLY G 139 4.08 -21.05 18.67
N ASN G 140 2.91 -21.35 18.12
CA ASN G 140 2.40 -20.51 17.03
C ASN G 140 1.63 -19.26 17.51
N PRO G 141 1.82 -18.12 16.80
CA PRO G 141 1.32 -16.79 17.23
C PRO G 141 -0.13 -16.71 17.73
N ASN G 142 -1.05 -17.47 17.13
CA ASN G 142 -2.45 -17.40 17.55
C ASN G 142 -2.74 -18.11 18.86
N ALA G 143 -1.85 -19.02 19.25
CA ALA G 143 -2.07 -19.88 20.40
C ALA G 143 -2.23 -19.12 21.72
N VAL G 144 -1.37 -18.13 21.94
CA VAL G 144 -1.42 -17.39 23.18
C VAL G 144 -2.73 -16.63 23.30
N ALA G 145 -3.27 -16.19 22.17
CA ALA G 145 -4.52 -15.45 22.19
C ALA G 145 -5.66 -16.42 22.56
N GLU G 146 -5.62 -17.58 21.94
CA GLU G 146 -6.59 -18.63 22.24
C GLU G 146 -6.49 -19.15 23.68
N CYS G 147 -5.29 -19.50 24.13
CA CYS G 147 -5.10 -20.01 25.50
C CYS G 147 -5.46 -18.98 26.54
N MET G 148 -5.08 -17.72 26.28
CA MET G 148 -5.38 -16.65 27.19
C MET G 148 -6.87 -16.42 27.26
N GLU G 149 -7.56 -16.55 26.15
CA GLU G 149 -9.00 -16.42 26.16
C GLU G 149 -9.67 -17.52 27.01
N ALA G 150 -9.12 -18.74 26.94
CA ALA G 150 -9.65 -19.87 27.70
C ALA G 150 -9.42 -19.70 29.19
N LEU G 151 -8.25 -19.17 29.57
CA LEU G 151 -7.88 -19.04 30.98
C LEU G 151 -8.42 -17.76 31.65
N LEU G 152 -8.63 -16.72 30.84
CA LEU G 152 -8.86 -15.37 31.30
C LEU G 152 -9.98 -15.19 32.32
N PRO G 153 -11.10 -15.88 32.16
CA PRO G 153 -12.17 -15.75 33.17
C PRO G 153 -11.69 -15.96 34.62
N ALA G 154 -10.62 -16.72 34.85
CA ALA G 154 -10.25 -17.15 36.19
C ALA G 154 -8.81 -16.79 36.58
N LEU G 155 -8.01 -16.37 35.59
CA LEU G 155 -6.61 -16.14 35.80
C LEU G 155 -6.33 -14.97 36.74
N LYS G 156 -7.24 -13.99 36.74
CA LYS G 156 -7.18 -12.87 37.67
C LYS G 156 -7.19 -13.40 39.12
N HIS G 157 -8.20 -14.22 39.43
CA HIS G 157 -8.32 -14.79 40.76
C HIS G 157 -7.15 -15.73 41.08
N ALA G 158 -6.66 -16.46 40.07
CA ALA G 158 -5.44 -17.27 40.24
C ALA G 158 -4.29 -16.42 40.75
N LEU G 159 -4.07 -15.25 40.16
CA LEU G 159 -2.89 -14.46 40.50
C LEU G 159 -3.04 -13.84 41.89
N LYS G 160 -4.27 -13.43 42.20
CA LYS G 160 -4.62 -12.90 43.50
C LYS G 160 -4.40 -13.93 44.60
N GLN G 161 -4.86 -15.16 44.37
CA GLN G 161 -4.71 -16.26 45.33
C GLN G 161 -3.23 -16.53 45.62
N ILE G 162 -2.38 -16.47 44.60
CA ILE G 162 -0.97 -16.77 44.81
C ILE G 162 -0.28 -15.74 45.71
N LYS G 163 -0.93 -14.57 45.83
CA LYS G 163 -0.59 -13.48 46.79
C LYS G 163 0.26 -12.40 46.14
N GLY G 164 1.45 -12.23 46.50
N GLU H 5 2.77 -24.39 -0.78
CA GLU H 5 3.95 -24.81 0.04
C GLU H 5 5.30 -24.63 -0.70
N TYR H 6 5.43 -25.06 -1.96
CA TYR H 6 6.59 -24.66 -2.76
C TYR H 6 6.17 -23.52 -3.66
N LYS H 7 6.91 -22.42 -3.61
CA LYS H 7 6.57 -21.28 -4.43
C LYS H 7 7.28 -21.39 -5.77
N VAL H 8 6.50 -21.58 -6.82
CA VAL H 8 7.02 -21.61 -8.18
C VAL H 8 6.77 -20.28 -8.90
N ALA H 9 7.77 -19.79 -9.62
CA ALA H 9 7.61 -18.65 -10.51
C ALA H 9 8.06 -19.01 -11.94
N ILE H 10 7.36 -18.46 -12.93
CA ILE H 10 7.65 -18.81 -14.32
C ILE H 10 7.95 -17.59 -15.15
N LEU H 11 9.17 -17.56 -15.71
CA LEU H 11 9.63 -16.42 -16.49
C LEU H 11 9.57 -16.74 -17.97
N THR H 12 8.82 -15.94 -18.71
CA THR H 12 8.77 -16.09 -20.16
C THR H 12 9.79 -15.16 -20.78
N VAL H 13 10.67 -15.71 -21.61
CA VAL H 13 11.68 -14.89 -22.26
C VAL H 13 11.35 -14.82 -23.74
N SER H 14 11.06 -13.62 -24.21
CA SER H 14 10.62 -13.43 -25.60
C SER H 14 10.48 -11.95 -25.96
N ASP H 15 11.29 -11.51 -26.93
CA ASP H 15 11.22 -10.15 -27.47
C ASP H 15 9.78 -9.81 -27.92
N THR H 16 9.18 -10.73 -28.69
CA THR H 16 7.84 -10.63 -29.24
C THR H 16 6.78 -10.41 -28.16
N VAL H 17 6.74 -11.29 -27.17
CA VAL H 17 5.75 -11.17 -26.11
C VAL H 17 6.00 -9.90 -25.29
N SER H 18 7.27 -9.63 -24.99
CA SER H 18 7.60 -8.48 -24.15
C SER H 18 7.16 -7.15 -24.82
N ALA H 19 7.29 -7.08 -26.14
CA ALA H 19 6.94 -5.87 -26.90
C ALA H 19 5.42 -5.69 -27.09
N GLY H 20 4.63 -6.71 -26.72
CA GLY H 20 3.20 -6.67 -26.90
C GLY H 20 2.82 -7.11 -28.30
N ALA H 21 3.82 -7.53 -29.09
CA ALA H 21 3.59 -7.96 -30.46
C ALA H 21 2.92 -9.33 -30.57
N GLY H 22 2.83 -10.06 -29.47
CA GLY H 22 2.21 -11.38 -29.53
C GLY H 22 1.88 -11.92 -28.17
N PRO H 23 1.07 -12.97 -28.14
CA PRO H 23 0.64 -13.58 -26.88
C PRO H 23 1.67 -14.54 -26.31
N ASP H 24 1.53 -14.84 -25.03
CA ASP H 24 2.32 -15.89 -24.42
C ASP H 24 1.53 -17.15 -24.51
N ARG H 25 2.00 -18.05 -25.36
CA ARG H 25 1.34 -19.34 -25.51
C ARG H 25 1.94 -20.41 -24.61
N SER H 26 3.14 -20.15 -24.09
CA SER H 26 3.86 -21.16 -23.30
C SER H 26 3.68 -20.94 -21.81
N GLY H 27 3.73 -19.69 -21.38
CA GLY H 27 3.46 -19.32 -20.00
C GLY H 27 2.31 -20.11 -19.39
N PRO H 28 1.09 -19.93 -19.93
CA PRO H 28 -0.12 -20.56 -19.36
C PRO H 28 -0.02 -22.07 -19.33
N ARG H 29 0.54 -22.67 -20.37
CA ARG H 29 0.81 -24.11 -20.40
C ARG H 29 1.67 -24.54 -19.23
N ALA H 30 2.78 -23.84 -19.03
CA ALA H 30 3.69 -24.14 -17.94
C ALA H 30 2.99 -24.04 -16.60
N VAL H 31 2.21 -22.96 -16.39
CA VAL H 31 1.49 -22.74 -15.14
C VAL H 31 0.63 -23.96 -14.90
N SER H 32 -0.06 -24.36 -15.95
CA SER H 32 -1.00 -25.43 -15.80
C SER H 32 -0.34 -26.82 -15.57
N VAL H 33 0.82 -27.06 -16.19
CA VAL H 33 1.63 -28.25 -15.91
C VAL H 33 2.11 -28.31 -14.45
N VAL H 34 2.64 -27.20 -13.94
CA VAL H 34 3.11 -27.17 -12.55
C VAL H 34 1.93 -27.48 -11.68
N ASP H 35 0.86 -26.74 -11.93
CA ASP H 35 -0.36 -26.82 -11.15
C ASP H 35 -0.91 -28.24 -11.04
N SER H 36 -0.95 -28.95 -12.16
CA SER H 36 -1.45 -30.31 -12.13
C SER H 36 -0.34 -31.33 -11.76
N SER H 37 0.84 -30.85 -11.41
CA SER H 37 1.90 -31.71 -10.89
C SER H 37 2.08 -31.50 -9.38
N SER H 38 1.25 -30.62 -8.82
CA SER H 38 1.38 -30.15 -7.45
C SER H 38 1.55 -31.27 -6.41
N GLU H 39 0.70 -32.28 -6.47
CA GLU H 39 0.76 -33.39 -5.55
C GLU H 39 2.13 -34.06 -5.67
N LYS H 40 2.48 -34.44 -6.89
CA LYS H 40 3.73 -35.12 -7.18
C LYS H 40 4.97 -34.30 -6.82
N LEU H 41 4.83 -32.97 -6.83
CA LEU H 41 5.89 -32.06 -6.40
C LEU H 41 5.88 -31.74 -4.91
N GLY H 42 5.01 -32.41 -4.14
CA GLY H 42 4.91 -32.18 -2.71
C GLY H 42 4.18 -30.91 -2.30
N GLY H 43 3.24 -30.46 -3.14
CA GLY H 43 2.50 -29.23 -2.92
C GLY H 43 3.25 -28.02 -3.46
N ALA H 44 2.94 -27.62 -4.69
CA ALA H 44 3.61 -26.49 -5.33
C ALA H 44 2.59 -25.69 -6.12
N LYS H 45 2.83 -24.40 -6.19
CA LYS H 45 1.87 -23.51 -6.79
C LYS H 45 2.64 -22.42 -7.53
N VAL H 46 2.22 -22.12 -8.76
CA VAL H 46 2.76 -20.95 -9.47
C VAL H 46 2.16 -19.69 -8.90
N VAL H 47 3.04 -18.84 -8.43
CA VAL H 47 2.70 -17.75 -7.53
C VAL H 47 3.02 -16.43 -8.24
N ALA H 48 3.74 -16.52 -9.36
CA ALA H 48 4.15 -15.33 -10.09
C ALA H 48 4.57 -15.69 -11.50
N THR H 49 4.26 -14.84 -12.47
CA THR H 49 4.90 -14.95 -13.78
C THR H 49 5.45 -13.59 -14.14
N ALA H 50 6.34 -13.56 -15.12
CA ALA H 50 6.86 -12.32 -15.68
C ALA H 50 7.31 -12.61 -17.09
N VAL H 51 7.29 -11.57 -17.92
CA VAL H 51 7.80 -11.64 -19.26
C VAL H 51 8.94 -10.67 -19.37
N VAL H 52 10.04 -11.13 -19.97
CA VAL H 52 11.16 -10.23 -20.30
C VAL H 52 11.57 -10.40 -21.77
N PRO H 53 12.20 -9.38 -22.35
CA PRO H 53 12.77 -9.53 -23.70
C PRO H 53 14.01 -10.42 -23.70
N ASP H 54 14.55 -10.68 -24.88
CA ASP H 54 15.77 -11.48 -24.99
C ASP H 54 17.00 -10.63 -24.72
N GLU H 55 17.16 -10.20 -23.47
CA GLU H 55 18.28 -9.36 -23.07
C GLU H 55 18.81 -9.85 -21.74
N VAL H 56 20.12 -10.12 -21.65
CA VAL H 56 20.70 -10.75 -20.44
C VAL H 56 20.42 -9.98 -19.15
N GLU H 57 20.55 -8.66 -19.18
CA GLU H 57 20.34 -7.83 -17.99
C GLU H 57 18.92 -7.99 -17.46
N ARG H 58 17.94 -7.95 -18.36
CA ARG H 58 16.55 -8.12 -17.97
C ARG H 58 16.33 -9.51 -17.37
N ILE H 59 16.98 -10.53 -17.92
CA ILE H 59 16.83 -11.88 -17.41
C ILE H 59 17.49 -12.03 -16.06
N LYS H 60 18.77 -11.66 -15.97
CA LYS H 60 19.48 -11.67 -14.68
C LYS H 60 18.71 -10.97 -13.55
N ASP H 61 18.22 -9.76 -13.80
CA ASP H 61 17.58 -8.95 -12.78
C ASP H 61 16.44 -9.72 -12.14
N ILE H 62 15.59 -10.35 -12.97
CA ILE H 62 14.43 -11.08 -12.47
C ILE H 62 14.85 -12.28 -11.68
N LEU H 63 15.79 -13.05 -12.21
CA LEU H 63 16.29 -14.24 -11.51
C LEU H 63 16.86 -13.86 -10.15
N GLN H 64 17.58 -12.75 -10.11
CA GLN H 64 18.14 -12.25 -8.87
C GLN H 64 17.03 -11.86 -7.92
N LYS H 65 16.10 -11.04 -8.40
CA LYS H 65 14.97 -10.58 -7.61
C LYS H 65 14.19 -11.76 -7.07
N TRP H 66 13.87 -12.71 -7.90
CA TRP H 66 12.99 -13.79 -7.47
C TRP H 66 13.68 -14.73 -6.51
N SER H 67 15.00 -14.82 -6.62
CA SER H 67 15.80 -15.68 -5.75
C SER H 67 16.16 -14.96 -4.42
N ASP H 68 16.66 -13.72 -4.53
CA ASP H 68 17.21 -13.02 -3.38
C ASP H 68 16.15 -12.32 -2.56
N VAL H 69 15.19 -11.70 -3.23
CA VAL H 69 14.14 -10.90 -2.57
C VAL H 69 12.84 -11.68 -2.31
N ASP H 70 12.25 -12.27 -3.35
CA ASP H 70 10.98 -12.98 -3.20
C ASP H 70 11.13 -14.40 -2.67
N GLU H 71 12.35 -14.90 -2.71
CA GLU H 71 12.67 -16.24 -2.22
C GLU H 71 11.75 -17.31 -2.79
N MET H 72 11.70 -17.38 -4.13
CA MET H 72 10.99 -18.45 -4.79
C MET H 72 11.74 -19.74 -4.55
N ASP H 73 11.02 -20.87 -4.58
CA ASP H 73 11.67 -22.15 -4.40
C ASP H 73 12.11 -22.74 -5.73
N LEU H 74 11.32 -22.47 -6.77
CA LEU H 74 11.57 -23.01 -8.08
C LEU H 74 11.24 -21.92 -9.10
N ILE H 75 12.21 -21.62 -9.97
CA ILE H 75 11.98 -20.74 -11.12
C ILE H 75 12.15 -21.54 -12.40
N LEU H 76 11.13 -21.50 -13.26
CA LEU H 76 11.23 -22.07 -14.59
C LEU H 76 11.34 -20.94 -15.57
N THR H 77 12.32 -20.97 -16.45
CA THR H 77 12.31 -20.01 -17.57
C THR H 77 11.85 -20.73 -18.84
N LEU H 78 11.25 -20.00 -19.77
CA LEU H 78 10.78 -20.54 -21.05
C LEU H 78 11.30 -19.70 -22.17
N GLY H 79 12.00 -20.31 -23.11
CA GLY H 79 12.51 -19.58 -24.25
C GLY H 79 13.94 -19.09 -24.11
N GLY H 80 14.49 -18.68 -25.24
CA GLY H 80 15.82 -18.11 -25.32
C GLY H 80 16.94 -19.13 -25.19
N THR H 81 16.67 -20.38 -25.55
CA THR H 81 17.62 -21.44 -25.32
C THR H 81 18.22 -22.06 -26.56
N GLY H 82 17.83 -21.62 -27.75
CA GLY H 82 18.37 -22.17 -29.00
C GLY H 82 19.59 -21.47 -29.56
N PHE H 83 19.79 -21.64 -30.86
CA PHE H 83 21.04 -21.24 -31.54
C PHE H 83 20.99 -19.85 -32.18
N THR H 84 19.77 -19.31 -32.29
CA THR H 84 19.49 -17.93 -32.67
C THR H 84 20.36 -16.96 -31.87
N PRO H 85 20.88 -15.92 -32.54
CA PRO H 85 21.77 -14.97 -31.84
C PRO H 85 21.09 -14.23 -30.70
N ARG H 86 19.76 -14.14 -30.68
CA ARG H 86 19.09 -13.49 -29.58
C ARG H 86 18.94 -14.43 -28.37
N ASP H 87 18.97 -15.75 -28.60
CA ASP H 87 18.79 -16.70 -27.51
C ASP H 87 19.92 -16.58 -26.50
N VAL H 88 19.66 -15.86 -25.39
CA VAL H 88 20.69 -15.59 -24.39
C VAL H 88 20.31 -16.05 -22.99
N THR H 89 19.27 -16.84 -22.86
CA THR H 89 18.78 -17.22 -21.53
C THR H 89 19.82 -18.00 -20.72
N PRO H 90 20.46 -19.01 -21.30
CA PRO H 90 21.47 -19.80 -20.59
C PRO H 90 22.64 -18.91 -20.12
N GLU H 91 23.08 -17.96 -20.94
CA GLU H 91 24.18 -17.09 -20.53
C GLU H 91 23.74 -16.22 -19.34
N ALA H 92 22.52 -15.74 -19.39
CA ALA H 92 22.00 -14.96 -18.26
C ALA H 92 21.94 -15.84 -17.02
N THR H 93 21.42 -17.05 -17.19
CA THR H 93 21.23 -17.97 -16.10
C THR H 93 22.55 -18.39 -15.44
N LYS H 94 23.56 -18.66 -16.27
CA LYS H 94 24.89 -19.06 -15.77
C LYS H 94 25.53 -17.98 -14.92
N LYS H 95 25.27 -16.70 -15.22
CA LYS H 95 25.80 -15.63 -14.40
C LYS H 95 25.22 -15.60 -12.98
N VAL H 96 23.99 -16.05 -12.78
CA VAL H 96 23.35 -15.90 -11.49
C VAL H 96 23.33 -17.19 -10.67
N ILE H 97 23.48 -18.36 -11.26
CA ILE H 97 23.46 -19.54 -10.42
C ILE H 97 24.77 -19.76 -9.68
N GLU H 98 24.69 -20.42 -8.53
CA GLU H 98 25.84 -20.64 -7.66
C GLU H 98 26.31 -22.09 -7.71
N ARG H 99 25.37 -23.01 -7.81
CA ARG H 99 25.68 -24.42 -7.79
C ARG H 99 24.99 -25.09 -8.99
N GLU H 100 25.77 -25.65 -9.92
CA GLU H 100 25.15 -26.25 -11.09
C GLU H 100 24.43 -27.53 -10.70
N THR H 101 23.39 -27.86 -11.47
CA THR H 101 22.64 -29.06 -11.27
C THR H 101 22.59 -29.84 -12.58
N PRO H 102 23.74 -30.36 -13.01
CA PRO H 102 23.87 -30.96 -14.34
C PRO H 102 23.02 -32.21 -14.58
N GLY H 103 22.64 -32.91 -13.52
CA GLY H 103 21.78 -34.07 -13.66
C GLY H 103 20.41 -33.74 -14.22
N LEU H 104 19.85 -32.60 -13.79
CA LEU H 104 18.58 -32.12 -14.32
C LEU H 104 18.72 -31.90 -15.82
N LEU H 105 19.85 -31.33 -16.25
CA LEU H 105 20.05 -31.02 -17.66
C LEU H 105 20.25 -32.31 -18.43
N PHE H 106 20.94 -33.29 -17.83
CA PHE H 106 21.17 -34.56 -18.51
C PHE H 106 19.84 -35.23 -18.78
N VAL H 107 18.97 -35.27 -17.75
CA VAL H 107 17.69 -35.95 -17.89
C VAL H 107 16.83 -35.27 -18.96
N MET H 108 16.74 -33.94 -18.92
CA MET H 108 15.91 -33.22 -19.87
C MET H 108 16.35 -33.48 -21.30
N MET H 109 17.67 -33.48 -21.53
CA MET H 109 18.24 -33.72 -22.83
C MET H 109 17.98 -35.16 -23.25
N GLN H 110 18.24 -36.11 -22.35
CA GLN H 110 18.07 -37.51 -22.67
C GLN H 110 16.63 -37.81 -23.07
N GLU H 111 15.68 -37.29 -22.30
CA GLU H 111 14.28 -37.55 -22.63
C GLU H 111 13.84 -36.87 -23.92
N ALA H 112 14.20 -35.59 -24.07
CA ALA H 112 13.80 -34.85 -25.26
C ALA H 112 14.34 -35.47 -26.56
N LEU H 113 15.54 -36.07 -26.51
CA LEU H 113 16.15 -36.70 -27.67
C LEU H 113 15.42 -37.99 -28.08
N LYS H 114 14.60 -38.54 -27.20
CA LYS H 114 13.81 -39.71 -27.53
C LYS H 114 12.66 -39.30 -28.42
N ILE H 115 12.27 -38.04 -28.34
CA ILE H 115 11.19 -37.55 -29.15
C ILE H 115 11.70 -37.05 -30.49
N THR H 116 12.77 -36.26 -30.48
CA THR H 116 13.32 -35.71 -31.70
C THR H 116 14.81 -35.39 -31.53
N PRO H 117 15.61 -35.62 -32.56
CA PRO H 117 17.01 -35.18 -32.53
C PRO H 117 17.19 -33.65 -32.46
N PHE H 118 16.16 -32.88 -32.75
CA PHE H 118 16.30 -31.43 -32.67
C PHE H 118 16.50 -30.95 -31.24
N ALA H 119 16.24 -31.86 -30.30
CA ALA H 119 16.49 -31.65 -28.86
C ALA H 119 17.92 -31.24 -28.55
N MET H 120 18.86 -31.71 -29.36
CA MET H 120 20.28 -31.35 -29.24
C MET H 120 20.55 -29.86 -29.47
N LEU H 121 19.57 -29.13 -29.98
CA LEU H 121 19.73 -27.70 -30.14
C LEU H 121 19.32 -26.89 -28.91
N SER H 122 18.89 -27.57 -27.85
CA SER H 122 18.64 -26.88 -26.58
C SER H 122 19.95 -26.62 -25.88
N ARG H 123 20.11 -25.40 -25.39
CA ARG H 123 21.32 -25.03 -24.69
C ARG H 123 21.01 -24.71 -23.24
N SER H 124 19.96 -25.32 -22.68
CA SER H 124 19.49 -24.96 -21.35
C SER H 124 20.56 -25.07 -20.27
N ALA H 125 20.52 -24.15 -19.33
CA ALA H 125 21.29 -24.27 -18.11
C ALA H 125 20.32 -24.47 -16.95
N ALA H 126 20.87 -24.81 -15.78
CA ALA H 126 20.09 -25.02 -14.57
C ALA H 126 21.04 -24.93 -13.39
N GLY H 127 20.51 -24.60 -12.23
CA GLY H 127 21.34 -24.50 -11.04
C GLY H 127 20.60 -23.86 -9.89
N ILE H 128 21.23 -23.90 -8.71
CA ILE H 128 20.66 -23.32 -7.49
C ILE H 128 21.29 -21.96 -7.22
N ARG H 129 20.46 -20.99 -6.87
CA ARG H 129 20.96 -19.74 -6.31
C ARG H 129 20.29 -19.57 -4.94
N GLY H 130 21.10 -19.32 -3.91
CA GLY H 130 20.61 -19.23 -2.56
C GLY H 130 19.86 -20.52 -2.28
N SER H 131 18.57 -20.41 -2.01
CA SER H 131 17.75 -21.62 -1.95
C SER H 131 16.68 -21.72 -3.07
N THR H 132 16.98 -21.14 -4.22
CA THR H 132 16.10 -21.22 -5.36
C THR H 132 16.72 -22.13 -6.43
N LEU H 133 15.95 -23.14 -6.88
CA LEU H 133 16.30 -23.92 -8.06
C LEU H 133 15.82 -23.24 -9.36
N ILE H 134 16.75 -22.94 -10.27
CA ILE H 134 16.44 -22.32 -11.57
C ILE H 134 16.67 -23.32 -12.73
N ILE H 135 15.63 -23.53 -13.53
CA ILE H 135 15.71 -24.46 -14.67
C ILE H 135 15.30 -23.80 -16.00
N ASN H 136 16.22 -23.72 -16.95
CA ASN H 136 15.88 -23.22 -18.28
C ASN H 136 15.10 -24.29 -19.02
N MET H 137 14.00 -23.90 -19.65
CA MET H 137 13.20 -24.83 -20.44
C MET H 137 12.89 -24.18 -21.78
N PRO H 138 12.66 -25.02 -22.80
CA PRO H 138 12.44 -24.51 -24.17
C PRO H 138 11.17 -23.68 -24.31
N GLY H 139 11.17 -22.81 -25.30
CA GLY H 139 10.08 -21.89 -25.51
C GLY H 139 8.76 -22.39 -26.06
N ASN H 140 8.69 -23.57 -26.65
CA ASN H 140 7.40 -24.02 -27.20
C ASN H 140 6.50 -24.72 -26.17
N PRO H 141 5.18 -24.45 -26.24
CA PRO H 141 4.20 -24.87 -25.21
C PRO H 141 4.25 -26.32 -24.71
N ASN H 142 4.61 -27.29 -25.56
CA ASN H 142 4.65 -28.67 -25.13
C ASN H 142 5.89 -29.02 -24.32
N ALA H 143 6.90 -28.17 -24.41
CA ALA H 143 8.21 -28.46 -23.84
C ALA H 143 8.17 -28.57 -22.32
N VAL H 144 7.46 -27.65 -21.68
CA VAL H 144 7.38 -27.66 -20.23
C VAL H 144 6.72 -28.94 -19.75
N ALA H 145 5.74 -29.44 -20.50
CA ALA H 145 5.06 -30.66 -20.11
C ALA H 145 6.00 -31.84 -20.20
N GLU H 146 6.76 -31.88 -21.30
CA GLU H 146 7.72 -32.93 -21.53
C GLU H 146 8.88 -32.86 -20.53
N CYS H 147 9.46 -31.68 -20.31
CA CYS H 147 10.58 -31.55 -19.36
C CYS H 147 10.14 -31.86 -17.95
N MET H 148 8.96 -31.37 -17.58
CA MET H 148 8.45 -31.63 -16.24
C MET H 148 8.17 -33.11 -16.04
N GLU H 149 7.74 -33.80 -17.08
CA GLU H 149 7.54 -35.24 -16.96
C GLU H 149 8.87 -35.97 -16.74
N ALA H 150 9.92 -35.51 -17.42
CA ALA H 150 11.26 -36.08 -17.28
C ALA H 150 11.83 -35.85 -15.90
N LEU H 151 11.63 -34.66 -15.34
CA LEU H 151 12.20 -34.31 -14.04
C LEU H 151 11.38 -34.77 -12.84
N LEU H 152 10.08 -34.95 -13.06
CA LEU H 152 9.09 -35.07 -11.98
C LEU H 152 9.38 -36.16 -10.97
N PRO H 153 9.84 -37.33 -11.42
CA PRO H 153 10.16 -38.39 -10.46
C PRO H 153 11.06 -37.92 -9.31
N ALA H 154 11.90 -36.92 -9.51
CA ALA H 154 12.92 -36.59 -8.51
C ALA H 154 12.90 -35.15 -8.02
N LEU H 155 12.06 -34.33 -8.66
CA LEU H 155 12.02 -32.89 -8.41
C LEU H 155 11.50 -32.55 -7.02
N LYS H 156 10.61 -33.40 -6.53
CA LYS H 156 10.07 -33.27 -5.19
C LYS H 156 11.22 -33.33 -4.21
N HIS H 157 12.02 -34.39 -4.32
CA HIS H 157 13.17 -34.55 -3.46
C HIS H 157 14.21 -33.42 -3.65
N ALA H 158 14.41 -32.99 -4.88
CA ALA H 158 15.23 -31.80 -5.14
C ALA H 158 14.80 -30.62 -4.28
N LEU H 159 13.51 -30.29 -4.28
CA LEU H 159 13.02 -29.11 -3.58
C LEU H 159 13.13 -29.24 -2.06
N LYS H 160 12.87 -30.45 -1.57
CA LYS H 160 13.03 -30.79 -0.17
C LYS H 160 14.48 -30.63 0.30
N GLN H 161 15.43 -31.13 -0.50
CA GLN H 161 16.85 -31.07 -0.17
C GLN H 161 17.36 -29.63 -0.09
N ILE H 162 16.88 -28.76 -0.97
CA ILE H 162 17.31 -27.36 -0.95
C ILE H 162 16.84 -26.66 0.33
N LYS H 163 15.92 -27.32 1.04
CA LYS H 163 15.34 -26.92 2.33
C LYS H 163 14.12 -26.03 2.12
N GLY H 164 14.18 -24.80 2.18
#